data_2EFE
#
_entry.id   2EFE
#
_cell.length_a   58.235
_cell.length_b   58.296
_cell.length_c   69.243
_cell.angle_alpha   81.75
_cell.angle_beta   86.83
_cell.angle_gamma   73.79
#
_symmetry.space_group_name_H-M   'P 1'
#
loop_
_entity.id
_entity.type
_entity.pdbx_description
1 polymer 'Similarity to vacuolar protein sorting-associated protein VPS9'
2 polymer 'Small GTP-binding protein-like'
3 non-polymer 'AMINOPHOSPHONIC ACID-GUANYLATE ESTER'
4 water water
#
loop_
_entity_poly.entity_id
_entity_poly.type
_entity_poly.pdbx_seq_one_letter_code
_entity_poly.pdbx_strand_id
1 'polypeptide(L)'
;GSMENTDVFLGLHDFLERMRKPSAGDFVKSIKSFIVSFSNNAPDPEKDCAMVQEFFSKMEAAFRAHPLWSGCSEEELDSA
GDGLEKYVMTKLFTRVFASNTEEVIADEKLFQKMSLVQQFISPENLDIQPTFQNESSWLLAQKELQKINMYKAPRDKLVC
ILNCCKVINNLLLNASIASNENAPGADEFLPVLIYVTIKANPPQLHSNLLYIQRYRRESKLVGEAAYFFTNILSAESFIS
NIDAKSISLDEAEFEKNMESARARISG
;
A,C
2 'polypeptide(L)'
;GSMAAAGNKSINAKLVLLGDVGAGKSSLVLRFVKDQFVEFQESTIGAAFFSQTLAVNDATVKFEIWDTAGQERYHSLAPM
YYRGAAAAIIVFDVTNQASFERAKKWVQELQAQGNPNMVMALAGNKSDLLDARKVTAEDAQTYAQENGLFFMETSAKTAT
NVKEIFYEIARRLPRVQPTEN
;
B,D
#
loop_
_chem_comp.id
_chem_comp.type
_chem_comp.name
_chem_comp.formula
GNH non-polymer 'AMINOPHOSPHONIC ACID-GUANYLATE ESTER' 'C10 H16 N6 O10 P2'
#
# COMPACT_ATOMS: atom_id res chain seq x y z
N MET A 19 -22.50 8.99 -27.62
CA MET A 19 -22.66 10.44 -28.00
C MET A 19 -22.91 10.67 -29.49
N ARG A 20 -22.44 9.76 -30.34
CA ARG A 20 -22.73 9.79 -31.78
C ARG A 20 -24.12 9.23 -32.15
N LYS A 21 -24.66 8.37 -31.28
CA LYS A 21 -26.03 7.84 -31.42
C LYS A 21 -27.07 8.96 -31.67
N PRO A 22 -28.03 8.72 -32.60
CA PRO A 22 -29.00 9.75 -33.03
C PRO A 22 -29.94 10.29 -31.94
N SER A 23 -30.10 9.53 -30.85
CA SER A 23 -30.85 10.02 -29.69
C SER A 23 -30.17 11.21 -29.01
N ALA A 24 -28.83 11.22 -29.02
CA ALA A 24 -28.01 12.25 -28.36
C ALA A 24 -27.79 13.54 -29.20
N GLY A 25 -28.51 13.64 -30.32
CA GLY A 25 -28.41 14.77 -31.23
C GLY A 25 -28.38 16.13 -30.54
N ASP A 26 -29.35 16.35 -29.66
CA ASP A 26 -29.51 17.64 -28.98
C ASP A 26 -28.53 17.89 -27.82
N PHE A 27 -27.97 16.83 -27.25
CA PHE A 27 -26.82 16.99 -26.34
C PHE A 27 -25.60 17.49 -27.11
N VAL A 28 -25.37 16.92 -28.29
CA VAL A 28 -24.23 17.28 -29.13
C VAL A 28 -24.32 18.75 -29.58
N LYS A 29 -25.50 19.16 -30.05
CA LYS A 29 -25.74 20.56 -30.42
C LYS A 29 -25.47 21.51 -29.25
N SER A 30 -25.87 21.09 -28.05
CA SER A 30 -25.71 21.91 -26.85
C SER A 30 -24.24 22.11 -26.46
N ILE A 31 -23.46 21.03 -26.51
CA ILE A 31 -22.05 21.10 -26.15
C ILE A 31 -21.32 21.98 -27.16
N LYS A 32 -21.76 21.93 -28.41
CA LYS A 32 -21.08 22.63 -29.51
C LYS A 32 -21.45 24.10 -29.57
N SER A 33 -22.70 24.44 -29.24
CA SER A 33 -23.09 25.85 -29.16
C SER A 33 -22.42 26.50 -27.95
N PHE A 34 -21.92 25.70 -27.02
CA PHE A 34 -21.13 26.21 -25.89
C PHE A 34 -19.72 26.60 -26.36
N ILE A 35 -19.06 25.67 -27.05
CA ILE A 35 -17.72 25.87 -27.63
C ILE A 35 -17.66 27.09 -28.57
N VAL A 36 -18.67 27.25 -29.42
CA VAL A 36 -18.80 28.40 -30.32
C VAL A 36 -19.08 29.68 -29.52
N SER A 37 -19.91 29.53 -28.48
CA SER A 37 -20.29 30.67 -27.65
C SER A 37 -19.23 31.06 -26.63
N PHE A 38 -18.12 30.34 -26.64
CA PHE A 38 -17.03 30.63 -25.72
C PHE A 38 -16.13 31.76 -26.25
N SER A 39 -15.97 31.83 -27.57
CA SER A 39 -15.16 32.86 -28.24
C SER A 39 -15.76 34.26 -28.11
N ASN A 40 -17.05 34.30 -27.82
CA ASN A 40 -17.80 35.54 -27.72
C ASN A 40 -17.43 36.47 -26.57
N ASN A 41 -16.39 36.09 -25.83
CA ASN A 41 -15.89 36.89 -24.74
C ASN A 41 -14.40 36.90 -24.85
N ALA A 42 -13.80 38.05 -24.54
CA ALA A 42 -12.36 38.16 -24.50
C ALA A 42 -11.87 37.18 -23.43
N PRO A 43 -10.84 36.36 -23.77
CA PRO A 43 -10.27 35.42 -22.81
C PRO A 43 -10.16 36.00 -21.40
N ASP A 44 -10.69 35.28 -20.40
CA ASP A 44 -10.49 35.65 -19.01
C ASP A 44 -10.66 34.48 -18.04
N PRO A 45 -9.54 34.01 -17.47
CA PRO A 45 -9.42 32.76 -16.73
C PRO A 45 -10.51 32.58 -15.70
N GLU A 46 -10.66 33.60 -14.85
CA GLU A 46 -11.56 33.56 -13.71
C GLU A 46 -13.02 33.40 -14.15
N LYS A 47 -13.41 34.11 -15.21
CA LYS A 47 -14.75 34.01 -15.82
C LYS A 47 -14.87 32.73 -16.63
N ASP A 48 -13.91 32.51 -17.52
CA ASP A 48 -13.85 31.33 -18.37
C ASP A 48 -14.05 30.04 -17.62
N CYS A 49 -13.29 29.88 -16.53
CA CYS A 49 -13.35 28.63 -15.77
C CYS A 49 -14.65 28.53 -14.96
N ALA A 50 -15.16 29.69 -14.54
CA ALA A 50 -16.49 29.77 -13.91
C ALA A 50 -17.59 29.33 -14.88
N MET A 51 -17.48 29.76 -16.15
CA MET A 51 -18.40 29.34 -17.21
C MET A 51 -18.30 27.84 -17.47
N VAL A 52 -17.07 27.31 -17.55
CA VAL A 52 -16.89 25.89 -17.83
C VAL A 52 -17.40 25.04 -16.66
N GLN A 53 -17.08 25.42 -15.43
CA GLN A 53 -17.57 24.64 -14.27
C GLN A 53 -19.09 24.57 -14.21
N GLU A 54 -19.74 25.68 -14.55
CA GLU A 54 -21.20 25.78 -14.59
C GLU A 54 -21.78 24.95 -15.75
N PHE A 55 -21.14 25.03 -16.93
CA PHE A 55 -21.48 24.16 -18.05
C PHE A 55 -21.36 22.69 -17.69
N PHE A 56 -20.24 22.32 -17.02
CA PHE A 56 -20.03 20.97 -16.50
C PHE A 56 -21.09 20.61 -15.49
N SER A 57 -21.34 21.51 -14.55
CA SER A 57 -22.34 21.28 -13.50
C SER A 57 -23.70 20.95 -14.11
N LYS A 58 -23.98 21.59 -15.25
CA LYS A 58 -25.28 21.58 -15.92
C LYS A 58 -25.48 20.43 -16.90
N MET A 59 -24.45 20.12 -17.68
CA MET A 59 -24.48 18.95 -18.56
C MET A 59 -24.50 17.67 -17.73
N GLU A 60 -23.84 17.71 -16.58
CA GLU A 60 -23.74 16.59 -15.70
C GLU A 60 -25.08 16.38 -15.00
N ALA A 61 -25.73 17.49 -14.65
CA ALA A 61 -27.13 17.46 -14.18
C ALA A 61 -28.08 16.84 -15.23
N ALA A 62 -27.78 17.10 -16.50
CA ALA A 62 -28.50 16.59 -17.67
C ALA A 62 -28.17 15.15 -18.08
N PHE A 63 -27.02 14.64 -17.64
CA PHE A 63 -26.73 13.20 -17.77
C PHE A 63 -27.62 12.37 -16.84
N ARG A 64 -27.58 12.65 -15.53
CA ARG A 64 -28.32 11.81 -14.59
C ARG A 64 -29.83 11.97 -14.72
N ALA A 65 -30.31 13.22 -14.65
CA ALA A 65 -31.76 13.49 -14.71
C ALA A 65 -32.43 13.11 -16.04
N HIS A 66 -31.65 12.89 -17.10
CA HIS A 66 -32.22 12.61 -18.40
C HIS A 66 -33.00 11.31 -18.46
N PRO A 67 -34.26 11.37 -18.94
CA PRO A 67 -35.11 10.16 -19.08
C PRO A 67 -34.45 8.96 -19.78
N LEU A 68 -33.56 9.23 -20.75
CA LEU A 68 -32.79 8.17 -21.44
C LEU A 68 -31.63 7.61 -20.63
N TRP A 69 -30.98 8.45 -19.82
CA TRP A 69 -29.83 8.04 -18.99
C TRP A 69 -30.19 7.66 -17.54
N SER A 70 -31.44 7.31 -17.27
CA SER A 70 -31.79 6.90 -15.90
C SER A 70 -31.46 5.43 -15.51
N GLY A 71 -30.89 4.65 -16.45
CA GLY A 71 -30.39 3.30 -16.16
C GLY A 71 -28.86 3.20 -15.94
N CYS A 72 -28.18 4.35 -15.90
CA CYS A 72 -26.73 4.39 -15.80
C CYS A 72 -26.25 4.23 -14.37
N SER A 73 -25.20 3.43 -14.15
CA SER A 73 -24.56 3.35 -12.82
C SER A 73 -23.83 4.67 -12.48
N GLU A 74 -23.59 4.89 -11.19
CA GLU A 74 -22.78 6.02 -10.72
C GLU A 74 -21.42 6.14 -11.43
N GLU A 75 -20.72 5.01 -11.53
CA GLU A 75 -19.43 4.96 -12.20
C GLU A 75 -19.56 5.36 -13.67
N GLU A 76 -20.60 4.90 -14.34
CA GLU A 76 -20.81 5.26 -15.76
C GLU A 76 -21.12 6.73 -15.95
N LEU A 77 -21.96 7.28 -15.10
CA LEU A 77 -22.23 8.70 -15.12
C LEU A 77 -20.95 9.50 -14.83
N ASP A 78 -20.15 9.01 -13.89
CA ASP A 78 -18.87 9.64 -13.61
C ASP A 78 -17.89 9.62 -14.82
N SER A 79 -17.83 8.48 -15.53
CA SER A 79 -17.04 8.37 -16.77
C SER A 79 -17.49 9.31 -17.88
N ALA A 80 -18.80 9.51 -17.98
CA ALA A 80 -19.39 10.45 -18.96
C ALA A 80 -19.02 11.89 -18.62
N GLY A 81 -19.01 12.21 -17.34
CA GLY A 81 -18.52 13.49 -16.85
C GLY A 81 -17.11 13.73 -17.32
N ASP A 82 -16.22 12.77 -17.07
CA ASP A 82 -14.82 12.86 -17.51
C ASP A 82 -14.69 12.91 -19.05
N GLY A 83 -15.53 12.14 -19.74
CA GLY A 83 -15.66 12.23 -21.21
C GLY A 83 -15.99 13.64 -21.69
N LEU A 84 -17.03 14.23 -21.08
CA LEU A 84 -17.40 15.62 -21.41
C LEU A 84 -16.23 16.56 -21.16
N GLU A 85 -15.64 16.44 -19.97
CA GLU A 85 -14.48 17.23 -19.56
C GLU A 85 -13.43 17.16 -20.64
N LYS A 86 -13.12 15.95 -21.08
CA LYS A 86 -12.06 15.73 -22.02
C LYS A 86 -12.38 16.37 -23.38
N TYR A 87 -13.57 16.08 -23.89
CA TYR A 87 -13.99 16.64 -25.17
C TYR A 87 -13.94 18.17 -25.15
N VAL A 88 -14.62 18.77 -24.17
CA VAL A 88 -14.72 20.22 -24.05
C VAL A 88 -13.33 20.84 -23.91
N MET A 89 -12.55 20.37 -22.93
CA MET A 89 -11.22 20.94 -22.63
C MET A 89 -10.21 20.82 -23.77
N THR A 90 -10.34 19.77 -24.57
CA THR A 90 -9.51 19.62 -25.75
C THR A 90 -9.85 20.69 -26.79
N LYS A 91 -11.14 21.03 -26.93
CA LYS A 91 -11.55 22.14 -27.80
C LYS A 91 -11.07 23.48 -27.28
N LEU A 92 -11.24 23.71 -25.99
CA LEU A 92 -10.91 25.00 -25.37
C LEU A 92 -9.40 25.23 -25.12
N PHE A 93 -8.60 24.20 -25.38
CA PHE A 93 -7.25 24.12 -24.81
C PHE A 93 -6.38 25.32 -25.04
N THR A 94 -6.25 25.76 -26.30
CA THR A 94 -5.27 26.82 -26.58
C THR A 94 -5.67 28.22 -26.09
N ARG A 95 -6.96 28.44 -25.90
CA ARG A 95 -7.48 29.71 -25.37
C ARG A 95 -7.35 29.77 -23.83
N VAL A 96 -7.46 28.61 -23.18
CA VAL A 96 -7.48 28.55 -21.72
C VAL A 96 -6.16 28.17 -21.04
N PHE A 97 -5.27 27.50 -21.76
CA PHE A 97 -4.05 26.95 -21.15
C PHE A 97 -2.83 27.82 -21.42
N ALA A 98 -2.09 28.15 -20.35
CA ALA A 98 -0.94 29.07 -20.40
C ALA A 98 -1.20 30.27 -21.34
N SER A 99 -2.35 30.93 -21.19
CA SER A 99 -2.92 31.76 -22.27
C SER A 99 -2.58 33.25 -22.20
N ASN A 100 -1.66 33.61 -21.32
CA ASN A 100 -1.28 35.02 -21.18
C ASN A 100 0.16 35.17 -20.71
N THR A 101 0.64 36.41 -20.72
CA THR A 101 2.02 36.70 -20.43
C THR A 101 2.45 36.28 -19.03
N GLU A 102 1.61 36.50 -18.03
CA GLU A 102 2.09 36.24 -16.67
C GLU A 102 2.25 34.75 -16.36
N GLU A 103 1.38 33.92 -16.95
CA GLU A 103 1.49 32.46 -16.82
C GLU A 103 2.72 31.93 -17.59
N VAL A 104 2.88 32.40 -18.82
CA VAL A 104 4.11 32.18 -19.59
C VAL A 104 5.39 32.56 -18.84
N ILE A 105 5.40 33.74 -18.22
CA ILE A 105 6.53 34.17 -17.41
C ILE A 105 6.83 33.28 -16.18
N ALA A 106 5.78 32.92 -15.43
CA ALA A 106 5.91 32.04 -14.25
C ALA A 106 6.39 30.62 -14.62
N ASP A 107 5.88 30.11 -15.74
CA ASP A 107 6.37 28.87 -16.30
C ASP A 107 7.88 28.90 -16.51
N GLU A 108 8.35 29.94 -17.20
CA GLU A 108 9.75 30.04 -17.60
C GLU A 108 10.66 30.24 -16.42
N LYS A 109 10.18 30.97 -15.40
CA LYS A 109 10.94 31.15 -14.16
C LYS A 109 11.15 29.86 -13.41
N LEU A 110 10.11 29.03 -13.42
CA LEU A 110 10.14 27.73 -12.75
C LEU A 110 11.07 26.77 -13.48
N PHE A 111 10.89 26.67 -14.80
CA PHE A 111 11.78 25.89 -15.65
C PHE A 111 13.25 26.32 -15.48
N GLN A 112 13.50 27.63 -15.46
CA GLN A 112 14.88 28.13 -15.34
C GLN A 112 15.54 27.66 -14.05
N LYS A 113 14.86 27.89 -12.94
CA LYS A 113 15.34 27.54 -11.59
C LYS A 113 15.53 26.05 -11.40
N MET A 114 14.61 25.24 -11.91
CA MET A 114 14.77 23.82 -11.77
C MET A 114 15.92 23.29 -12.61
N SER A 115 16.08 23.78 -13.85
CA SER A 115 17.14 23.31 -14.76
C SER A 115 18.53 23.61 -14.22
N LEU A 116 18.63 24.62 -13.37
CA LEU A 116 19.85 24.96 -12.64
C LEU A 116 20.02 24.14 -11.34
N VAL A 117 19.05 24.25 -10.44
CA VAL A 117 19.05 23.62 -9.12
C VAL A 117 19.09 22.08 -9.22
N GLN A 118 18.42 21.49 -10.21
CA GLN A 118 18.47 20.02 -10.39
C GLN A 118 19.89 19.47 -10.55
N GLN A 119 20.80 20.33 -10.98
CA GLN A 119 22.19 19.96 -11.24
C GLN A 119 23.01 19.80 -9.97
N PHE A 120 22.68 20.51 -8.90
CA PHE A 120 23.44 20.34 -7.65
C PHE A 120 22.65 19.91 -6.41
N ILE A 121 21.31 19.98 -6.46
CA ILE A 121 20.49 19.60 -5.30
C ILE A 121 20.69 18.14 -4.87
N SER A 122 20.80 17.95 -3.58
CA SER A 122 20.95 16.66 -2.96
C SER A 122 19.83 16.46 -1.96
N PRO A 123 19.47 15.20 -1.70
CA PRO A 123 18.38 14.96 -0.75
C PRO A 123 18.51 15.59 0.66
N GLU A 124 19.73 15.71 1.19
CA GLU A 124 19.93 16.40 2.48
C GLU A 124 19.65 17.91 2.49
N ASN A 125 19.76 18.59 1.35
CA ASN A 125 19.33 19.98 1.20
C ASN A 125 17.85 20.18 1.55
N LEU A 126 17.07 19.09 1.46
CA LEU A 126 15.61 19.16 1.63
C LEU A 126 15.13 18.40 2.88
N ASP A 127 16.09 18.03 3.76
CA ASP A 127 15.86 17.18 4.94
C ASP A 127 15.43 15.73 4.68
N ILE A 128 15.76 15.20 3.51
CA ILE A 128 15.54 13.75 3.27
C ILE A 128 16.68 13.01 3.97
N GLN A 129 16.29 12.19 4.94
CA GLN A 129 17.18 11.35 5.70
C GLN A 129 17.67 10.16 4.89
N PRO A 130 18.93 9.74 5.13
CA PRO A 130 19.59 8.67 4.37
C PRO A 130 18.81 7.36 4.47
N THR A 131 18.04 7.24 5.53
CA THR A 131 17.23 6.08 5.82
C THR A 131 16.04 5.96 4.85
N PHE A 132 15.68 7.08 4.20
CA PHE A 132 14.57 7.12 3.25
C PHE A 132 15.03 7.30 1.81
N GLN A 133 16.34 7.20 1.58
CA GLN A 133 16.96 7.28 0.25
C GLN A 133 16.36 6.23 -0.65
N ASN A 134 16.19 6.59 -1.92
CA ASN A 134 15.95 5.63 -2.98
C ASN A 134 17.16 5.70 -3.89
N GLU A 135 17.70 4.58 -4.36
CA GLU A 135 18.83 4.68 -5.31
C GLU A 135 18.53 4.94 -6.80
N SER A 136 17.30 4.73 -7.26
CA SER A 136 16.91 5.24 -8.58
C SER A 136 16.67 6.77 -8.52
N SER A 137 16.77 7.35 -7.32
CA SER A 137 16.26 8.69 -7.04
C SER A 137 14.80 8.87 -7.47
N TRP A 138 13.98 7.86 -7.19
CA TRP A 138 12.54 7.87 -7.45
C TRP A 138 12.30 8.20 -8.93
N LEU A 139 13.08 7.53 -9.78
CA LEU A 139 13.05 7.76 -11.21
C LEU A 139 11.66 7.56 -11.82
N LEU A 140 10.97 6.51 -11.42
CA LEU A 140 9.65 6.20 -11.97
C LEU A 140 8.59 7.28 -11.66
N ALA A 141 8.68 7.87 -10.48
CA ALA A 141 7.83 9.02 -10.10
C ALA A 141 8.18 10.26 -10.92
N GLN A 142 9.46 10.48 -11.20
CA GLN A 142 9.87 11.57 -12.09
C GLN A 142 9.22 11.46 -13.46
N LYS A 143 9.18 10.22 -13.96
CA LYS A 143 8.69 9.91 -15.31
C LYS A 143 7.18 10.04 -15.41
N GLU A 144 6.49 9.54 -14.40
CA GLU A 144 5.06 9.76 -14.27
C GLU A 144 4.68 11.23 -14.34
N LEU A 145 5.40 12.09 -13.61
CA LEU A 145 5.15 13.53 -13.64
C LEU A 145 5.42 14.17 -15.03
N GLN A 146 6.50 13.76 -15.70
CA GLN A 146 6.86 14.30 -17.00
C GLN A 146 5.91 13.94 -18.14
N LYS A 147 4.98 13.03 -17.89
CA LYS A 147 3.95 12.65 -18.85
C LYS A 147 2.85 13.74 -18.91
N ILE A 148 2.97 14.75 -18.05
CA ILE A 148 1.89 15.72 -17.84
C ILE A 148 1.47 16.46 -19.12
N ASN A 149 2.46 16.86 -19.95
CA ASN A 149 2.18 17.53 -21.23
C ASN A 149 1.85 16.62 -22.41
N MET A 150 1.72 15.32 -22.15
CA MET A 150 1.21 14.35 -23.11
C MET A 150 -0.32 14.29 -23.15
N TYR A 151 -0.98 14.95 -22.18
CA TYR A 151 -2.44 14.96 -22.10
C TYR A 151 -3.03 16.37 -22.01
N LYS A 152 -4.28 16.51 -22.48
CA LYS A 152 -4.95 17.81 -22.52
C LYS A 152 -6.08 17.94 -21.48
N ALA A 153 -6.74 16.84 -21.14
CA ALA A 153 -7.81 16.87 -20.14
C ALA A 153 -7.22 17.11 -18.76
N PRO A 154 -7.90 17.93 -17.90
CA PRO A 154 -7.40 18.08 -16.52
C PRO A 154 -7.30 16.74 -15.74
N ARG A 155 -8.31 15.91 -15.83
CA ARG A 155 -8.25 14.57 -15.25
C ARG A 155 -6.93 13.81 -15.55
N ASP A 156 -6.59 13.65 -16.83
CA ASP A 156 -5.41 12.88 -17.22
C ASP A 156 -4.11 13.57 -16.83
N LYS A 157 -4.08 14.92 -16.84
CA LYS A 157 -2.97 15.68 -16.27
C LYS A 157 -2.84 15.40 -14.78
N LEU A 158 -3.95 15.48 -14.04
CA LEU A 158 -3.98 15.22 -12.59
C LEU A 158 -3.52 13.79 -12.25
N VAL A 159 -3.93 12.83 -13.09
CA VAL A 159 -3.59 11.45 -12.87
C VAL A 159 -2.07 11.23 -12.86
N CYS A 160 -1.33 12.02 -13.64
CA CYS A 160 0.14 12.01 -13.70
C CYS A 160 0.78 12.41 -12.38
N ILE A 161 0.27 13.50 -11.84
CA ILE A 161 0.59 13.96 -10.49
C ILE A 161 0.28 12.86 -9.45
N LEU A 162 -0.90 12.27 -9.55
CA LEU A 162 -1.34 11.33 -8.55
C LEU A 162 -0.56 10.01 -8.60
N ASN A 163 -0.26 9.53 -9.80
CA ASN A 163 0.67 8.40 -10.05
C ASN A 163 2.08 8.64 -9.47
N CYS A 164 2.64 9.82 -9.79
CA CYS A 164 3.88 10.25 -9.23
C CYS A 164 3.82 10.11 -7.71
N CYS A 165 2.81 10.72 -7.08
CA CYS A 165 2.64 10.63 -5.62
C CYS A 165 2.58 9.20 -5.06
N LYS A 166 1.81 8.34 -5.73
CA LYS A 166 1.64 6.93 -5.30
C LYS A 166 2.94 6.15 -5.36
N VAL A 167 3.68 6.36 -6.44
CA VAL A 167 4.98 5.77 -6.64
C VAL A 167 5.97 6.21 -5.54
N ILE A 168 6.06 7.52 -5.28
CA ILE A 168 6.88 8.07 -4.22
C ILE A 168 6.57 7.36 -2.89
N ASN A 169 5.28 7.31 -2.57
CA ASN A 169 4.82 6.66 -1.36
C ASN A 169 5.15 5.16 -1.20
N ASN A 170 5.01 4.42 -2.30
CA ASN A 170 5.39 3.01 -2.32
C ASN A 170 6.90 2.85 -2.16
N LEU A 171 7.68 3.72 -2.83
CA LEU A 171 9.14 3.73 -2.63
C LEU A 171 9.62 4.13 -1.22
N LEU A 172 9.01 5.17 -0.63
CA LEU A 172 9.24 5.52 0.77
C LEU A 172 8.90 4.38 1.71
N LEU A 173 7.75 3.73 1.50
CA LEU A 173 7.37 2.58 2.33
C LEU A 173 8.43 1.48 2.27
N ASN A 174 8.91 1.17 1.06
CA ASN A 174 10.00 0.19 0.88
C ASN A 174 11.26 0.56 1.66
N ALA A 175 11.58 1.87 1.73
CA ALA A 175 12.79 2.34 2.40
C ALA A 175 12.65 2.16 3.88
N SER A 176 11.44 2.40 4.38
CA SER A 176 11.18 2.26 5.80
C SER A 176 11.23 0.80 6.24
N ILE A 177 10.58 -0.09 5.47
CA ILE A 177 10.71 -1.56 5.67
C ILE A 177 12.20 -1.95 5.80
N ALA A 178 12.98 -1.64 4.76
CA ALA A 178 14.43 -1.96 4.73
C ALA A 178 15.30 -1.41 5.88
N SER A 179 15.03 -0.17 6.32
CA SER A 179 15.83 0.46 7.38
C SER A 179 15.14 0.42 8.76
N ASN A 180 14.19 -0.46 8.91
CA ASN A 180 13.33 -0.53 10.09
C ASN A 180 12.98 0.81 10.70
N GLU A 181 12.32 1.63 9.92
CA GLU A 181 11.86 2.92 10.36
C GLU A 181 10.32 2.83 10.46
N ASN A 182 9.71 3.85 11.06
CA ASN A 182 8.25 3.97 11.11
C ASN A 182 7.66 4.42 9.75
N ALA A 183 6.36 4.26 9.55
CA ALA A 183 5.75 4.56 8.26
C ALA A 183 5.96 6.04 7.83
N PRO A 184 6.19 6.28 6.53
CA PRO A 184 6.40 7.67 6.10
C PRO A 184 5.14 8.54 6.19
N GLY A 185 5.32 9.82 6.50
CA GLY A 185 4.18 10.74 6.45
C GLY A 185 4.56 11.93 5.63
N ALA A 186 3.87 13.07 5.85
CA ALA A 186 4.17 14.31 5.14
C ALA A 186 5.63 14.76 5.26
N ASP A 187 6.24 14.49 6.42
CA ASP A 187 7.63 14.85 6.67
C ASP A 187 8.58 14.14 5.71
N GLU A 188 8.23 12.91 5.32
CA GLU A 188 9.05 12.15 4.36
C GLU A 188 8.65 12.46 2.92
N PHE A 189 7.34 12.60 2.68
CA PHE A 189 6.74 12.68 1.37
C PHE A 189 7.00 14.00 0.62
N LEU A 190 6.61 15.11 1.23
CA LEU A 190 6.77 16.41 0.62
C LEU A 190 8.22 16.70 0.15
N PRO A 191 9.24 16.58 1.05
CA PRO A 191 10.62 16.77 0.55
C PRO A 191 11.00 15.88 -0.66
N VAL A 192 10.50 14.64 -0.70
CA VAL A 192 10.72 13.76 -1.84
C VAL A 192 9.91 14.22 -3.09
N LEU A 193 8.67 14.67 -2.89
CA LEU A 193 7.94 15.28 -4.02
C LEU A 193 8.72 16.49 -4.56
N ILE A 194 9.28 17.30 -3.68
CA ILE A 194 10.03 18.48 -4.17
C ILE A 194 11.25 18.06 -5.00
N TYR A 195 12.07 17.15 -4.47
CA TYR A 195 13.24 16.62 -5.18
C TYR A 195 12.87 16.05 -6.55
N VAL A 196 11.84 15.22 -6.56
CA VAL A 196 11.35 14.53 -7.74
C VAL A 196 10.87 15.54 -8.79
N THR A 197 10.23 16.61 -8.33
CA THR A 197 9.70 17.63 -9.24
C THR A 197 10.84 18.40 -9.86
N ILE A 198 11.84 18.74 -9.05
CA ILE A 198 13.06 19.42 -9.53
C ILE A 198 13.81 18.58 -10.55
N LYS A 199 14.02 17.30 -10.22
CA LYS A 199 14.67 16.38 -11.14
C LYS A 199 13.88 16.14 -12.43
N ALA A 200 12.55 16.03 -12.31
CA ALA A 200 11.68 15.92 -13.49
C ALA A 200 11.58 17.20 -14.32
N ASN A 201 11.71 18.37 -13.70
CA ASN A 201 11.49 19.65 -14.37
C ASN A 201 10.39 19.61 -15.45
N PRO A 202 9.14 19.31 -15.05
CA PRO A 202 8.12 19.10 -16.09
C PRO A 202 7.76 20.46 -16.72
N PRO A 203 7.65 20.54 -18.06
CA PRO A 203 7.39 21.80 -18.76
C PRO A 203 6.07 22.40 -18.39
N GLN A 204 6.07 23.73 -18.25
CA GLN A 204 4.86 24.50 -17.96
C GLN A 204 4.16 23.97 -16.71
N LEU A 205 4.94 23.80 -15.64
CA LEU A 205 4.40 23.27 -14.39
C LEU A 205 3.39 24.22 -13.75
N HIS A 206 3.68 25.52 -13.83
CA HIS A 206 2.79 26.51 -13.26
C HIS A 206 1.44 26.56 -13.99
N SER A 207 1.47 26.55 -15.32
CA SER A 207 0.23 26.56 -16.09
C SER A 207 -0.52 25.28 -15.95
N ASN A 208 0.21 24.17 -15.89
CA ASN A 208 -0.40 22.85 -15.74
C ASN A 208 -1.24 22.78 -14.48
N LEU A 209 -0.70 23.24 -13.36
CA LEU A 209 -1.39 23.22 -12.05
C LEU A 209 -2.60 24.18 -12.01
N LEU A 210 -2.38 25.42 -12.49
CA LEU A 210 -3.45 26.41 -12.58
C LEU A 210 -4.62 25.88 -13.38
N TYR A 211 -4.32 25.30 -14.55
CA TYR A 211 -5.30 24.66 -15.44
C TYR A 211 -6.05 23.50 -14.75
N ILE A 212 -5.34 22.65 -14.04
CA ILE A 212 -6.04 21.58 -13.28
C ILE A 212 -6.97 22.18 -12.21
N GLN A 213 -6.42 23.08 -11.41
CA GLN A 213 -7.22 23.78 -10.41
C GLN A 213 -8.51 24.42 -11.01
N ARG A 214 -8.36 25.20 -12.07
CA ARG A 214 -9.51 25.84 -12.72
C ARG A 214 -10.48 24.84 -13.37
N TYR A 215 -9.98 23.94 -14.22
CA TYR A 215 -10.80 23.25 -15.21
C TYR A 215 -11.21 21.81 -14.93
N ARG A 216 -10.61 21.22 -13.90
CA ARG A 216 -10.97 19.89 -13.44
C ARG A 216 -12.39 19.92 -12.90
N ARG A 217 -13.19 18.90 -13.18
CA ARG A 217 -14.53 18.85 -12.60
C ARG A 217 -14.40 19.05 -11.10
N GLU A 218 -14.95 20.16 -10.62
CA GLU A 218 -14.74 20.63 -9.23
C GLU A 218 -15.22 19.62 -8.18
N SER A 219 -16.29 18.89 -8.49
CA SER A 219 -16.81 17.82 -7.64
C SER A 219 -15.79 16.70 -7.43
N LYS A 220 -14.76 16.67 -8.29
CA LYS A 220 -13.74 15.60 -8.29
C LYS A 220 -12.39 15.99 -7.64
N LEU A 221 -12.12 17.31 -7.60
CA LEU A 221 -10.95 17.85 -6.89
C LEU A 221 -11.26 17.90 -5.38
N VAL A 222 -11.24 16.71 -4.76
CA VAL A 222 -11.68 16.53 -3.38
C VAL A 222 -10.91 15.36 -2.75
N GLY A 223 -10.98 15.21 -1.42
CA GLY A 223 -10.48 14.00 -0.77
C GLY A 223 -8.98 13.85 -0.97
N GLU A 224 -8.53 12.62 -1.25
CA GLU A 224 -7.10 12.33 -1.39
C GLU A 224 -6.50 13.02 -2.64
N ALA A 225 -7.28 13.07 -3.71
CA ALA A 225 -6.97 13.81 -4.91
C ALA A 225 -6.55 15.26 -4.60
N ALA A 226 -7.38 15.96 -3.84
CA ALA A 226 -7.07 17.34 -3.47
C ALA A 226 -5.91 17.45 -2.50
N TYR A 227 -5.68 16.45 -1.65
CA TYR A 227 -4.54 16.48 -0.73
C TYR A 227 -3.22 16.42 -1.48
N PHE A 228 -3.10 15.47 -2.40
CA PHE A 228 -1.87 15.35 -3.15
C PHE A 228 -1.66 16.49 -4.15
N PHE A 229 -2.76 17.01 -4.66
CA PHE A 229 -2.72 18.22 -5.48
C PHE A 229 -2.15 19.41 -4.72
N THR A 230 -2.59 19.59 -3.47
CA THR A 230 -2.09 20.63 -2.58
C THR A 230 -0.60 20.43 -2.29
N ASN A 231 -0.17 19.16 -2.14
CA ASN A 231 1.24 18.87 -2.04
C ASN A 231 2.05 19.39 -3.25
N ILE A 232 1.62 19.09 -4.48
CA ILE A 232 2.38 19.58 -5.65
C ILE A 232 2.36 21.11 -5.80
N LEU A 233 1.24 21.74 -5.43
CA LEU A 233 1.14 23.20 -5.44
C LEU A 233 2.11 23.83 -4.42
N SER A 234 2.28 23.19 -3.27
CA SER A 234 3.20 23.70 -2.26
C SER A 234 4.63 23.39 -2.69
N ALA A 235 4.84 22.22 -3.30
CA ALA A 235 6.11 21.95 -3.99
C ALA A 235 6.48 23.04 -5.05
N GLU A 236 5.58 23.40 -5.96
CA GLU A 236 5.79 24.51 -6.91
C GLU A 236 6.23 25.82 -6.24
N SER A 237 5.55 26.17 -5.15
CA SER A 237 5.79 27.37 -4.35
C SER A 237 7.16 27.37 -3.69
N PHE A 238 7.54 26.27 -3.04
CA PHE A 238 8.86 26.09 -2.48
C PHE A 238 9.96 26.31 -3.53
N ILE A 239 9.77 25.65 -4.67
CA ILE A 239 10.74 25.63 -5.74
C ILE A 239 10.94 27.02 -6.36
N SER A 240 9.84 27.74 -6.60
CA SER A 240 9.91 29.14 -7.09
C SER A 240 10.80 30.01 -6.24
N ASN A 241 10.75 29.76 -4.94
CA ASN A 241 11.37 30.59 -3.91
C ASN A 241 12.69 30.01 -3.38
N ILE A 242 13.25 29.02 -4.07
CA ILE A 242 14.52 28.41 -3.67
C ILE A 242 15.63 29.45 -3.76
N ASP A 243 16.28 29.64 -2.61
CA ASP A 243 17.49 30.43 -2.44
C ASP A 243 18.45 29.56 -1.61
N ALA A 244 19.64 30.10 -1.31
CA ALA A 244 20.66 29.43 -0.48
C ALA A 244 20.13 28.90 0.84
N LYS A 245 19.47 29.77 1.59
CA LYS A 245 18.88 29.43 2.88
C LYS A 245 17.77 28.37 2.83
N SER A 246 17.00 28.32 1.73
CA SER A 246 15.87 27.42 1.73
C SER A 246 16.30 25.97 1.44
N ILE A 247 17.43 25.78 0.77
CA ILE A 247 18.02 24.46 0.60
C ILE A 247 19.29 24.24 1.45
N SER A 248 19.40 24.98 2.55
CA SER A 248 20.56 24.93 3.47
C SER A 248 21.94 24.83 2.79
N LEU A 249 22.30 25.87 2.05
CA LEU A 249 23.65 26.04 1.49
C LEU A 249 24.16 27.43 1.89
N ASP A 250 25.48 27.61 1.93
CA ASP A 250 26.03 28.96 2.22
C ASP A 250 25.71 29.85 1.02
N GLU A 251 25.52 31.14 1.24
CA GLU A 251 25.17 32.03 0.12
C GLU A 251 26.20 32.03 -1.00
N ALA A 252 27.47 31.98 -0.62
CA ALA A 252 28.55 31.86 -1.60
C ALA A 252 28.57 30.48 -2.29
N GLU A 253 28.28 29.42 -1.54
CA GLU A 253 28.21 28.10 -2.17
C GLU A 253 27.03 28.01 -3.12
N PHE A 254 25.91 28.66 -2.76
CA PHE A 254 24.72 28.58 -3.57
C PHE A 254 24.95 29.24 -4.92
N GLU A 255 25.39 30.49 -4.88
CA GLU A 255 25.57 31.30 -6.08
C GLU A 255 26.60 30.74 -7.05
N LYS A 256 27.61 30.09 -6.49
CA LYS A 256 28.66 29.48 -7.26
C LYS A 256 28.15 28.19 -7.95
N ASN A 257 27.34 27.39 -7.23
CA ASN A 257 26.62 26.25 -7.83
C ASN A 257 25.69 26.63 -8.99
N MET A 258 25.00 27.77 -8.85
CA MET A 258 24.14 28.31 -9.91
C MET A 258 24.94 28.69 -11.18
N GLU A 259 26.09 29.34 -11.00
CA GLU A 259 26.98 29.69 -12.12
C GLU A 259 27.41 28.49 -12.95
N SER A 260 27.92 27.46 -12.29
CA SER A 260 28.41 26.24 -12.93
C SER A 260 27.30 25.50 -13.65
N ALA A 261 26.10 25.61 -13.10
CA ALA A 261 24.88 25.06 -13.71
C ALA A 261 24.58 25.73 -15.04
N ARG A 262 24.66 27.06 -15.08
CA ARG A 262 24.46 27.87 -16.30
C ARG A 262 25.47 27.58 -17.43
N ALA A 263 26.70 27.23 -17.05
CA ALA A 263 27.76 26.90 -18.01
C ALA A 263 27.56 25.51 -18.68
N ARG A 264 26.96 24.57 -17.96
CA ARG A 264 26.69 23.26 -18.54
C ARG A 264 25.62 23.29 -19.64
N SER B 10 -21.30 12.76 7.89
CA SER B 10 -22.31 13.82 7.57
C SER B 10 -22.07 15.15 8.30
N ILE B 11 -21.32 15.11 9.40
CA ILE B 11 -20.43 16.22 9.71
C ILE B 11 -19.07 15.81 9.13
N ASN B 12 -18.70 16.42 8.01
CA ASN B 12 -17.37 16.24 7.39
C ASN B 12 -16.38 17.26 7.93
N ALA B 13 -15.30 16.78 8.53
CA ALA B 13 -14.29 17.67 9.08
C ALA B 13 -12.96 17.51 8.34
N LYS B 14 -12.32 18.63 7.99
CA LYS B 14 -10.90 18.61 7.64
C LYS B 14 -10.10 18.89 8.89
N LEU B 15 -9.19 17.99 9.20
CA LEU B 15 -8.38 18.06 10.39
C LEU B 15 -6.93 18.06 9.95
N VAL B 16 -6.16 19.06 10.39
CA VAL B 16 -4.73 19.13 10.08
C VAL B 16 -3.91 18.66 11.28
N LEU B 17 -2.79 17.98 11.02
CA LEU B 17 -1.81 17.61 12.06
C LEU B 17 -0.56 18.48 11.87
N LEU B 18 -0.28 19.33 12.86
CA LEU B 18 0.87 20.26 12.78
C LEU B 18 1.85 19.86 13.84
N GLY B 19 3.14 20.03 13.56
CA GLY B 19 4.18 19.84 14.57
C GLY B 19 5.49 19.41 13.93
N ASP B 20 6.58 19.43 14.68
CA ASP B 20 7.85 19.20 14.00
C ASP B 20 8.18 17.71 13.86
N VAL B 21 9.17 17.41 13.02
CA VAL B 21 9.50 16.02 12.70
C VAL B 21 9.93 15.28 13.98
N GLY B 22 9.49 14.02 14.09
CA GLY B 22 9.76 13.21 15.27
C GLY B 22 8.74 13.32 16.40
N ALA B 23 7.88 14.34 16.38
CA ALA B 23 6.86 14.51 17.43
C ALA B 23 5.93 13.28 17.54
N GLY B 24 5.48 12.76 16.40
CA GLY B 24 4.64 11.57 16.36
C GLY B 24 3.31 11.78 15.68
N LYS B 25 3.24 12.74 14.76
CA LYS B 25 2.03 12.96 13.98
C LYS B 25 1.54 11.70 13.28
N SER B 26 2.47 10.99 12.62
CA SER B 26 2.13 9.79 11.82
C SER B 26 1.72 8.64 12.72
N SER B 27 2.55 8.35 13.72
CA SER B 27 2.27 7.32 14.73
C SER B 27 0.89 7.47 15.39
N LEU B 28 0.53 8.71 15.69
CA LEU B 28 -0.75 9.05 16.31
C LEU B 28 -1.89 8.64 15.41
N VAL B 29 -1.90 9.16 14.19
CA VAL B 29 -3.00 8.91 13.24
C VAL B 29 -3.17 7.43 12.81
N LEU B 30 -2.07 6.68 12.80
CA LEU B 30 -2.06 5.26 12.48
C LEU B 30 -2.64 4.43 13.61
N ARG B 31 -2.26 4.77 14.85
CA ARG B 31 -2.91 4.22 16.03
C ARG B 31 -4.40 4.46 15.98
N PHE B 32 -4.80 5.69 15.71
CA PHE B 32 -6.20 6.04 15.62
C PHE B 32 -6.92 5.29 14.49
N VAL B 33 -6.30 5.25 13.30
CA VAL B 33 -6.94 4.64 12.12
C VAL B 33 -6.82 3.12 12.06
N LYS B 34 -5.59 2.61 12.13
CA LYS B 34 -5.33 1.16 11.95
C LYS B 34 -5.21 0.40 13.27
N ASP B 35 -5.14 1.16 14.37
CA ASP B 35 -4.84 0.62 15.70
C ASP B 35 -3.51 -0.16 15.74
N GLN B 36 -2.48 0.39 15.10
CA GLN B 36 -1.12 -0.19 15.12
C GLN B 36 -0.03 0.82 15.49
N PHE B 37 1.06 0.29 16.04
CA PHE B 37 2.30 1.05 16.28
C PHE B 37 3.46 0.20 15.77
N VAL B 38 4.41 0.83 15.06
CA VAL B 38 5.41 0.10 14.27
C VAL B 38 6.07 -1.07 15.01
N GLU B 39 6.30 -0.88 16.32
CA GLU B 39 7.00 -1.86 17.15
C GLU B 39 6.19 -3.14 17.37
N PHE B 40 4.87 -3.05 17.22
CA PHE B 40 3.98 -4.17 17.48
C PHE B 40 3.43 -4.80 16.19
N GLN B 41 2.95 -3.96 15.28
CA GLN B 41 2.62 -4.37 13.92
C GLN B 41 3.58 -3.77 12.91
N GLU B 42 3.89 -4.53 11.86
CA GLU B 42 4.83 -4.07 10.82
C GLU B 42 4.17 -3.03 9.89
N SER B 43 4.98 -2.25 9.18
CA SER B 43 4.43 -1.15 8.35
C SER B 43 3.81 -1.57 7.01
N THR B 44 2.60 -1.02 6.79
CA THR B 44 1.69 -1.42 5.72
C THR B 44 1.42 -0.27 4.77
N ILE B 45 1.04 0.88 5.35
CA ILE B 45 0.67 2.09 4.59
C ILE B 45 1.31 3.37 5.16
N GLY B 46 1.53 4.35 4.30
CA GLY B 46 1.96 5.70 4.73
C GLY B 46 0.86 6.39 5.53
N ALA B 47 1.20 7.50 6.19
CA ALA B 47 0.24 8.14 7.11
C ALA B 47 -0.08 9.62 6.84
N ALA B 48 0.05 10.05 5.58
CA ALA B 48 -0.07 11.48 5.22
C ALA B 48 -1.52 11.92 5.04
N PHE B 49 -2.35 10.99 4.60
CA PHE B 49 -3.76 11.27 4.40
C PHE B 49 -4.67 10.10 4.82
N PHE B 50 -5.77 10.44 5.49
CA PHE B 50 -6.74 9.48 5.94
C PHE B 50 -8.14 10.06 5.96
N SER B 51 -9.10 9.21 5.60
CA SER B 51 -10.50 9.43 5.97
C SER B 51 -10.87 8.53 7.16
N GLN B 52 -11.57 9.12 8.12
CA GLN B 52 -12.13 8.37 9.24
C GLN B 52 -13.48 8.92 9.71
N THR B 53 -14.41 7.99 9.90
CA THR B 53 -15.74 8.28 10.40
C THR B 53 -15.78 7.93 11.89
N LEU B 54 -16.48 8.77 12.66
CA LEU B 54 -16.77 8.47 14.08
C LEU B 54 -18.21 8.77 14.45
N ALA B 55 -18.74 7.96 15.36
CA ALA B 55 -20.06 8.19 15.94
C ALA B 55 -19.93 9.14 17.16
N VAL B 56 -20.62 10.28 17.08
CA VAL B 56 -20.67 11.24 18.19
C VAL B 56 -22.11 11.60 18.51
N ASN B 57 -22.55 11.20 19.70
CA ASN B 57 -23.86 11.57 20.23
C ASN B 57 -24.99 11.30 19.24
N ASP B 58 -25.10 10.02 18.89
CA ASP B 58 -26.09 9.51 17.92
C ASP B 58 -26.01 10.18 16.52
N ALA B 59 -24.88 10.83 16.24
CA ALA B 59 -24.63 11.43 14.91
C ALA B 59 -23.35 10.83 14.27
N THR B 60 -22.94 11.40 13.14
CA THR B 60 -21.75 10.93 12.46
C THR B 60 -20.85 12.08 12.03
N VAL B 61 -19.57 11.92 12.37
CA VAL B 61 -18.54 12.88 12.03
C VAL B 61 -17.43 12.17 11.25
N LYS B 62 -17.21 12.65 10.01
CA LYS B 62 -16.21 12.07 9.11
C LYS B 62 -15.01 13.01 8.94
N PHE B 63 -13.86 12.55 9.44
CA PHE B 63 -12.61 13.27 9.43
C PHE B 63 -11.78 13.04 8.17
N GLU B 64 -11.44 14.11 7.48
CA GLU B 64 -10.35 14.10 6.52
C GLU B 64 -9.08 14.60 7.21
N ILE B 65 -8.08 13.73 7.37
CA ILE B 65 -6.88 14.05 8.15
C ILE B 65 -5.62 14.30 7.27
N TRP B 66 -5.12 15.53 7.38
CA TRP B 66 -4.02 16.06 6.59
C TRP B 66 -2.78 16.21 7.41
N ASP B 67 -1.80 15.34 7.20
CA ASP B 67 -0.44 15.58 7.71
C ASP B 67 0.26 16.75 6.95
N THR B 68 1.19 17.41 7.63
CA THR B 68 1.97 18.56 7.10
C THR B 68 3.44 18.29 7.35
N ALA B 69 4.35 18.87 6.57
CA ALA B 69 5.78 18.67 6.85
C ALA B 69 6.19 19.61 7.98
N GLY B 70 6.87 19.07 8.99
CA GLY B 70 7.20 19.82 10.19
C GLY B 70 8.51 20.60 10.16
N GLN B 71 9.36 20.33 9.16
CA GLN B 71 10.68 20.97 9.08
C GLN B 71 10.58 22.46 8.86
N GLU B 72 11.53 23.17 9.43
CA GLU B 72 11.58 24.63 9.40
C GLU B 72 11.55 25.14 7.98
N ARG B 73 12.26 24.49 7.07
CA ARG B 73 12.31 25.05 5.72
C ARG B 73 10.92 25.06 5.04
N TYR B 74 10.00 24.19 5.49
CA TYR B 74 8.67 24.16 4.90
C TYR B 74 7.62 24.93 5.69
N HIS B 75 8.03 25.70 6.69
CA HIS B 75 7.04 26.34 7.55
C HIS B 75 6.05 27.21 6.80
N SER B 76 6.55 27.99 5.84
CA SER B 76 5.75 29.01 5.16
C SER B 76 4.79 28.37 4.15
N LEU B 77 4.95 27.05 3.95
CA LEU B 77 4.02 26.29 3.12
C LEU B 77 2.74 25.90 3.84
N ALA B 78 2.81 25.74 5.17
CA ALA B 78 1.70 25.25 6.01
C ALA B 78 0.29 25.87 5.83
N PRO B 79 0.18 27.22 5.64
CA PRO B 79 -1.16 27.82 5.49
C PRO B 79 -1.99 27.24 4.34
N MET B 80 -1.31 26.68 3.34
CA MET B 80 -1.96 26.06 2.18
C MET B 80 -2.63 24.77 2.64
N TYR B 81 -2.08 24.14 3.67
CA TYR B 81 -2.62 22.89 4.23
C TYR B 81 -3.68 23.16 5.28
N TYR B 82 -3.45 24.13 6.16
CA TYR B 82 -4.42 24.34 7.20
C TYR B 82 -5.60 25.28 6.87
N ARG B 83 -5.60 25.81 5.63
CA ARG B 83 -6.72 26.59 5.06
C ARG B 83 -8.01 25.83 5.10
N GLY B 84 -9.02 26.45 5.74
CA GLY B 84 -10.32 25.83 5.90
C GLY B 84 -10.43 24.62 6.80
N ALA B 85 -9.39 24.32 7.58
CA ALA B 85 -9.43 23.20 8.53
C ALA B 85 -10.45 23.47 9.63
N ALA B 86 -11.31 22.51 9.93
CA ALA B 86 -12.30 22.72 10.99
C ALA B 86 -11.70 22.43 12.36
N ALA B 87 -10.57 21.73 12.35
CA ALA B 87 -9.90 21.26 13.56
C ALA B 87 -8.41 21.10 13.29
N ALA B 88 -7.60 21.18 14.34
CA ALA B 88 -6.17 20.91 14.23
C ALA B 88 -5.64 20.22 15.49
N ILE B 89 -4.78 19.23 15.30
CA ILE B 89 -4.00 18.68 16.38
C ILE B 89 -2.57 19.20 16.23
N ILE B 90 -2.12 19.98 17.20
CA ILE B 90 -0.73 20.41 17.25
C ILE B 90 0.00 19.47 18.20
N VAL B 91 0.94 18.70 17.66
CA VAL B 91 1.62 17.65 18.39
C VAL B 91 3.01 18.10 18.81
N PHE B 92 3.39 17.74 20.03
CA PHE B 92 4.76 17.89 20.46
C PHE B 92 5.20 16.62 21.18
N ASP B 93 6.50 16.45 21.33
CA ASP B 93 7.10 15.31 21.96
C ASP B 93 7.47 15.77 23.40
N VAL B 94 6.80 15.20 24.41
CA VAL B 94 7.00 15.66 25.82
C VAL B 94 8.45 15.59 26.25
N THR B 95 9.25 14.79 25.54
CA THR B 95 10.67 14.63 25.85
C THR B 95 11.56 15.63 25.10
N ASN B 96 10.94 16.49 24.30
CA ASN B 96 11.67 17.51 23.53
C ASN B 96 11.09 18.89 23.79
N GLN B 97 11.85 19.72 24.51
CA GLN B 97 11.40 21.08 24.85
C GLN B 97 11.24 21.94 23.61
N ALA B 98 12.11 21.72 22.63
CA ALA B 98 12.06 22.44 21.36
C ALA B 98 10.77 22.13 20.57
N SER B 99 10.30 20.88 20.60
CA SER B 99 9.00 20.55 20.01
C SER B 99 7.82 21.30 20.66
N PHE B 100 7.90 21.51 21.98
CA PHE B 100 6.86 22.25 22.71
C PHE B 100 6.80 23.73 22.32
N GLU B 101 7.97 24.38 22.32
CA GLU B 101 8.13 25.75 21.80
C GLU B 101 7.56 25.94 20.39
N ARG B 102 7.81 24.95 19.54
CA ARG B 102 7.35 24.96 18.16
C ARG B 102 5.81 24.85 18.10
N ALA B 103 5.23 24.02 18.95
CA ALA B 103 3.78 23.80 19.04
C ALA B 103 3.01 25.07 19.44
N LYS B 104 3.61 25.88 20.30
CA LYS B 104 3.02 27.16 20.70
C LYS B 104 3.00 28.16 19.54
N LYS B 105 4.06 28.19 18.73
CA LYS B 105 4.06 29.00 17.52
C LYS B 105 2.97 28.62 16.52
N TRP B 106 2.79 27.32 16.26
CA TRP B 106 1.64 26.85 15.47
C TRP B 106 0.31 27.41 16.03
N VAL B 107 0.07 27.25 17.32
CA VAL B 107 -1.16 27.82 17.96
C VAL B 107 -1.34 29.33 17.68
N GLN B 108 -0.29 30.11 17.96
CA GLN B 108 -0.27 31.58 17.73
C GLN B 108 -0.64 31.91 16.29
N GLU B 109 -0.04 31.17 15.37
CA GLU B 109 -0.27 31.34 13.94
C GLU B 109 -1.72 31.05 13.49
N LEU B 110 -2.25 29.94 13.96
CA LEU B 110 -3.65 29.58 13.69
C LEU B 110 -4.62 30.64 14.25
N GLN B 111 -4.25 31.22 15.39
CA GLN B 111 -5.03 32.31 15.97
C GLN B 111 -4.92 33.62 15.18
N ALA B 112 -3.75 33.93 14.65
CA ALA B 112 -3.63 35.10 13.77
C ALA B 112 -4.27 34.86 12.40
N GLN B 113 -4.23 33.59 11.93
CA GLN B 113 -4.33 33.21 10.49
C GLN B 113 -5.10 31.90 10.14
N GLY B 114 -5.71 31.27 11.14
CA GLY B 114 -6.60 30.12 10.90
C GLY B 114 -8.02 30.48 11.33
N ASN B 115 -8.97 29.55 11.14
CA ASN B 115 -10.36 29.82 11.52
C ASN B 115 -10.60 29.94 13.05
N PRO B 116 -11.27 31.03 13.50
CA PRO B 116 -11.56 31.27 14.92
C PRO B 116 -12.42 30.16 15.53
N ASN B 117 -13.32 29.59 14.72
CA ASN B 117 -14.09 28.40 15.12
C ASN B 117 -13.38 27.04 14.89
N MET B 118 -12.05 27.08 14.70
CA MET B 118 -11.25 25.85 14.61
C MET B 118 -11.11 25.22 15.99
N VAL B 119 -11.34 23.90 16.07
CA VAL B 119 -11.06 23.18 17.30
C VAL B 119 -9.60 22.78 17.25
N MET B 120 -8.79 23.40 18.08
CA MET B 120 -7.41 23.00 18.22
C MET B 120 -7.33 22.11 19.43
N ALA B 121 -6.55 21.04 19.30
CA ALA B 121 -6.15 20.17 20.37
C ALA B 121 -4.62 20.22 20.44
N LEU B 122 -4.06 20.35 21.63
CA LEU B 122 -2.63 20.22 21.83
C LEU B 122 -2.34 18.83 22.33
N ALA B 123 -1.54 18.07 21.57
CA ALA B 123 -1.22 16.69 21.96
C ALA B 123 0.20 16.61 22.46
N GLY B 124 0.39 16.09 23.66
CA GLY B 124 1.70 15.91 24.24
C GLY B 124 2.03 14.45 24.11
N ASN B 125 2.77 14.13 23.04
CA ASN B 125 3.05 12.76 22.65
C ASN B 125 4.24 12.11 23.33
N LYS B 126 4.31 10.77 23.24
CA LYS B 126 5.36 9.97 23.86
C LYS B 126 5.33 10.02 25.39
N SER B 127 4.13 10.21 25.93
CA SER B 127 3.88 10.29 27.39
C SER B 127 4.53 9.12 28.13
N ASP B 128 4.53 7.96 27.47
CA ASP B 128 5.13 6.72 27.96
C ASP B 128 6.64 6.80 28.27
N LEU B 129 7.32 7.84 27.78
CA LEU B 129 8.76 7.95 28.00
C LEU B 129 9.07 8.69 29.30
N LEU B 130 9.69 7.99 30.25
CA LEU B 130 9.81 8.52 31.62
C LEU B 130 11.10 9.26 31.93
N ASP B 131 12.24 8.58 31.77
CA ASP B 131 13.54 9.21 32.02
C ASP B 131 13.93 10.26 30.97
N ALA B 132 13.11 10.41 29.94
CA ALA B 132 13.38 11.35 28.87
C ALA B 132 12.60 12.70 28.98
N ARG B 133 11.46 12.67 29.65
CA ARG B 133 10.49 13.78 29.65
C ARG B 133 11.03 15.13 30.11
N LYS B 134 10.69 16.19 29.37
CA LYS B 134 11.24 17.55 29.61
C LYS B 134 10.18 18.65 29.66
N VAL B 135 8.95 18.33 29.29
CA VAL B 135 7.86 19.30 29.29
C VAL B 135 6.78 18.89 30.27
N THR B 136 6.41 19.82 31.16
CA THR B 136 5.42 19.54 32.20
C THR B 136 3.98 19.63 31.68
N ALA B 137 3.13 18.82 32.31
CA ALA B 137 1.68 18.85 32.09
C ALA B 137 1.17 20.22 32.44
N GLU B 138 1.66 20.74 33.57
CA GLU B 138 1.41 22.09 34.00
C GLU B 138 1.58 23.17 32.91
N ASP B 139 2.72 23.18 32.20
CA ASP B 139 2.97 24.25 31.20
C ASP B 139 2.07 24.12 29.99
N ALA B 140 2.01 22.89 29.47
CA ALA B 140 1.12 22.51 28.38
C ALA B 140 -0.36 22.84 28.68
N GLN B 141 -0.83 22.32 29.82
CA GLN B 141 -2.19 22.55 30.33
C GLN B 141 -2.50 24.03 30.55
N THR B 142 -1.60 24.72 31.27
CA THR B 142 -1.67 26.18 31.44
C THR B 142 -1.72 26.88 30.10
N TYR B 143 -0.72 26.62 29.25
CA TYR B 143 -0.69 27.23 27.92
C TYR B 143 -2.01 27.06 27.18
N ALA B 144 -2.53 25.84 27.14
CA ALA B 144 -3.78 25.56 26.41
C ALA B 144 -4.98 26.24 27.06
N GLN B 145 -4.99 26.28 28.39
CA GLN B 145 -6.05 26.94 29.13
C GLN B 145 -6.12 28.45 28.82
N GLU B 146 -4.94 29.09 28.74
CA GLU B 146 -4.83 30.53 28.39
C GLU B 146 -5.20 30.86 26.95
N ASN B 147 -5.12 29.87 26.05
CA ASN B 147 -5.23 30.15 24.61
C ASN B 147 -6.40 29.50 23.90
N GLY B 148 -7.42 29.14 24.68
CA GLY B 148 -8.69 28.70 24.12
C GLY B 148 -8.72 27.30 23.54
N LEU B 149 -7.69 26.50 23.81
CA LEU B 149 -7.66 25.12 23.29
C LEU B 149 -7.54 24.11 24.43
N PHE B 150 -7.71 22.83 24.12
CA PHE B 150 -7.51 21.81 25.14
C PHE B 150 -6.21 21.01 24.95
N PHE B 151 -5.60 20.60 26.06
CA PHE B 151 -4.38 19.77 26.09
C PHE B 151 -4.71 18.35 26.52
N MET B 152 -4.12 17.39 25.81
CA MET B 152 -4.19 15.98 26.18
C MET B 152 -2.80 15.38 26.09
N GLU B 153 -2.46 14.50 27.01
CA GLU B 153 -1.25 13.73 26.88
C GLU B 153 -1.58 12.46 26.09
N THR B 154 -0.74 12.14 25.12
CA THR B 154 -0.99 10.98 24.24
C THR B 154 0.20 10.06 24.16
N SER B 155 -0.08 8.83 23.73
CA SER B 155 0.95 7.87 23.38
C SER B 155 0.45 6.98 22.24
N ALA B 156 1.22 6.99 21.13
CA ALA B 156 0.99 6.12 20.01
C ALA B 156 1.36 4.69 20.36
N LYS B 157 2.44 4.52 21.12
CA LYS B 157 2.95 3.19 21.42
C LYS B 157 1.98 2.38 22.31
N THR B 158 1.55 2.98 23.42
CA THR B 158 0.68 2.31 24.40
C THR B 158 -0.79 2.61 24.14
N ALA B 159 -1.08 3.45 23.14
CA ALA B 159 -2.47 3.81 22.76
C ALA B 159 -3.20 4.81 23.68
N THR B 160 -2.54 5.30 24.73
CA THR B 160 -3.18 6.19 25.70
C THR B 160 -3.67 7.49 25.05
N ASN B 161 -4.96 7.79 25.25
CA ASN B 161 -5.61 9.03 24.77
C ASN B 161 -5.55 9.30 23.27
N VAL B 162 -5.34 8.25 22.46
CA VAL B 162 -5.35 8.39 21.01
C VAL B 162 -6.79 8.51 20.48
N LYS B 163 -7.63 7.52 20.77
CA LYS B 163 -9.05 7.57 20.35
C LYS B 163 -9.76 8.78 20.92
N GLU B 164 -9.42 9.10 22.16
CA GLU B 164 -10.10 10.09 22.95
C GLU B 164 -9.89 11.51 22.42
N ILE B 165 -8.66 11.85 22.03
CA ILE B 165 -8.35 13.17 21.45
C ILE B 165 -9.10 13.45 20.16
N PHE B 166 -9.21 12.45 19.29
CA PHE B 166 -10.07 12.53 18.11
C PHE B 166 -11.57 12.64 18.45
N TYR B 167 -12.05 11.82 19.40
CA TYR B 167 -13.40 11.92 19.99
C TYR B 167 -13.68 13.33 20.55
N GLU B 168 -12.79 13.84 21.39
CA GLU B 168 -12.92 15.16 21.99
C GLU B 168 -12.94 16.27 20.95
N ILE B 169 -12.20 16.09 19.86
CA ILE B 169 -12.26 17.04 18.75
C ILE B 169 -13.62 16.98 18.03
N ALA B 170 -14.09 15.77 17.75
CA ALA B 170 -15.39 15.56 17.12
C ALA B 170 -16.56 16.11 17.94
N ARG B 171 -16.46 15.94 19.26
CA ARG B 171 -17.46 16.41 20.22
C ARG B 171 -17.61 17.93 20.12
N ARG B 172 -16.47 18.63 20.11
CA ARG B 172 -16.43 20.09 20.16
C ARG B 172 -16.79 20.80 18.84
N LEU B 173 -17.14 20.05 17.80
CA LEU B 173 -17.30 20.63 16.46
C LEU B 173 -18.55 21.52 16.30
N PRO B 174 -18.34 22.85 16.16
CA PRO B 174 -19.36 23.91 16.07
C PRO B 174 -20.57 23.59 15.17
N MET C 19 13.98 -10.05 32.33
CA MET C 19 14.16 -11.36 33.04
C MET C 19 15.19 -11.30 34.19
N ARG C 20 16.01 -10.25 34.19
CA ARG C 20 17.08 -10.06 35.20
C ARG C 20 16.61 -9.51 36.56
N LYS C 21 15.38 -9.02 36.62
CA LYS C 21 14.76 -8.53 37.85
C LYS C 21 14.63 -9.62 38.94
N PRO C 22 14.79 -9.24 40.24
CA PRO C 22 14.84 -10.24 41.35
C PRO C 22 13.58 -11.10 41.45
N SER C 23 12.41 -10.52 41.16
CA SER C 23 11.13 -11.24 41.18
C SER C 23 11.05 -12.38 40.16
N ALA C 24 11.75 -12.24 39.03
CA ALA C 24 11.68 -13.20 37.90
C ALA C 24 12.64 -14.41 37.99
N GLY C 25 13.45 -14.45 39.05
CA GLY C 25 14.40 -15.54 39.30
C GLY C 25 13.92 -16.95 38.96
N ASP C 26 12.73 -17.30 39.43
CA ASP C 26 12.13 -18.64 39.19
C ASP C 26 11.65 -18.89 37.76
N PHE C 27 11.31 -17.83 37.02
CA PHE C 27 11.05 -17.91 35.57
C PHE C 27 12.31 -18.19 34.79
N VAL C 28 13.39 -17.49 35.13
CA VAL C 28 14.69 -17.68 34.52
C VAL C 28 15.21 -19.11 34.75
N LYS C 29 14.89 -19.70 35.90
CA LYS C 29 15.31 -21.07 36.22
C LYS C 29 14.55 -22.09 35.40
N SER C 30 13.28 -21.84 35.21
CA SER C 30 12.42 -22.72 34.43
C SER C 30 12.88 -22.80 32.95
N ILE C 31 13.28 -21.65 32.39
CA ILE C 31 13.80 -21.57 31.02
C ILE C 31 15.17 -22.24 30.92
N LYS C 32 16.08 -21.95 31.84
CA LYS C 32 17.42 -22.52 31.78
C LYS C 32 17.48 -24.00 32.11
N SER C 33 16.45 -24.51 32.78
CA SER C 33 16.39 -25.94 33.05
C SER C 33 15.84 -26.70 31.84
N PHE C 34 15.05 -26.02 31.02
CA PHE C 34 14.56 -26.55 29.73
C PHE C 34 15.72 -26.71 28.72
N ILE C 35 16.62 -25.73 28.71
CA ILE C 35 17.81 -25.70 27.86
C ILE C 35 18.78 -26.86 28.17
N VAL C 36 18.83 -27.30 29.44
CA VAL C 36 19.61 -28.47 29.83
C VAL C 36 18.85 -29.78 29.63
N SER C 37 17.52 -29.73 29.79
CA SER C 37 16.62 -30.86 29.52
C SER C 37 16.68 -31.32 28.08
N PHE C 38 16.83 -30.33 27.19
CA PHE C 38 16.86 -30.53 25.76
C PHE C 38 18.08 -31.35 25.29
N SER C 39 19.26 -30.96 25.75
CA SER C 39 20.52 -31.55 25.28
C SER C 39 20.58 -33.06 25.55
N ASN C 40 20.15 -33.47 26.74
CA ASN C 40 20.25 -34.87 27.14
C ASN C 40 19.38 -35.83 26.32
N ASN C 41 18.42 -35.27 25.57
CA ASN C 41 17.66 -35.97 24.53
C ASN C 41 18.50 -36.20 23.29
N ALA C 42 18.15 -37.24 22.52
CA ALA C 42 18.76 -37.45 21.20
C ALA C 42 17.97 -36.67 20.13
N PRO C 43 18.65 -35.80 19.33
CA PRO C 43 17.94 -34.89 18.43
C PRO C 43 16.89 -35.56 17.52
N ASP C 44 15.69 -35.00 17.47
CA ASP C 44 14.68 -35.44 16.51
C ASP C 44 13.70 -34.34 16.18
N PRO C 45 13.88 -33.72 15.00
CA PRO C 45 13.23 -32.48 14.62
C PRO C 45 11.77 -32.42 15.03
N GLU C 46 11.01 -33.48 14.73
CA GLU C 46 9.57 -33.55 14.96
C GLU C 46 9.21 -33.40 16.44
N LYS C 47 9.98 -34.12 17.26
CA LYS C 47 9.84 -34.16 18.72
C LYS C 47 10.42 -32.90 19.36
N ASP C 48 11.57 -32.47 18.85
CA ASP C 48 12.25 -31.28 19.34
C ASP C 48 11.40 -30.03 19.20
N CYS C 49 10.82 -29.85 18.02
CA CYS C 49 9.96 -28.70 17.78
C CYS C 49 8.63 -28.79 18.56
N ALA C 50 8.09 -30.01 18.66
CA ALA C 50 6.89 -30.25 19.49
C ALA C 50 7.13 -29.90 20.96
N MET C 51 8.31 -30.25 21.48
CA MET C 51 8.69 -29.87 22.84
C MET C 51 8.80 -28.35 22.99
N VAL C 52 9.49 -27.71 22.03
CA VAL C 52 9.69 -26.28 22.10
C VAL C 52 8.36 -25.56 22.00
N GLN C 53 7.48 -26.00 21.10
CA GLN C 53 6.14 -25.40 21.01
C GLN C 53 5.35 -25.51 22.32
N GLU C 54 5.40 -26.70 22.92
CA GLU C 54 4.77 -26.98 24.21
C GLU C 54 5.40 -26.14 25.33
N PHE C 55 6.73 -26.01 25.33
CA PHE C 55 7.41 -25.11 26.25
C PHE C 55 7.01 -23.66 26.03
N PHE C 56 6.93 -23.24 24.76
CA PHE C 56 6.46 -21.89 24.41
C PHE C 56 5.03 -21.68 24.86
N SER C 57 4.15 -22.64 24.59
CA SER C 57 2.73 -22.51 24.99
C SER C 57 2.57 -22.43 26.52
N LYS C 58 3.42 -23.18 27.22
CA LYS C 58 3.43 -23.25 28.68
C LYS C 58 3.99 -21.99 29.31
N MET C 59 5.05 -21.43 28.73
CA MET C 59 5.54 -20.12 29.15
C MET C 59 4.63 -18.96 28.70
N GLU C 60 3.96 -19.12 27.56
CA GLU C 60 2.95 -18.14 27.11
C GLU C 60 1.92 -17.95 28.23
N ALA C 61 1.31 -19.05 28.68
CA ALA C 61 0.33 -19.03 29.78
C ALA C 61 0.88 -18.48 31.09
N ALA C 62 2.10 -18.92 31.44
CA ALA C 62 2.83 -18.44 32.62
C ALA C 62 3.10 -16.93 32.61
N PHE C 63 3.20 -16.33 31.42
CA PHE C 63 3.24 -14.87 31.29
C PHE C 63 1.86 -14.20 31.47
N ARG C 64 0.83 -14.68 30.79
CA ARG C 64 -0.52 -14.04 30.90
C ARG C 64 -1.32 -14.34 32.18
N ALA C 65 -1.17 -15.54 32.75
CA ALA C 65 -1.89 -15.95 33.97
C ALA C 65 -1.16 -15.62 35.29
N HIS C 66 0.13 -15.34 35.23
CA HIS C 66 0.89 -15.06 36.45
C HIS C 66 0.45 -13.78 37.10
N PRO C 67 0.09 -13.84 38.41
CA PRO C 67 -0.35 -12.67 39.21
C PRO C 67 0.47 -11.38 39.00
N LEU C 68 1.79 -11.51 38.82
CA LEU C 68 2.68 -10.36 38.63
C LEU C 68 2.57 -9.71 37.26
N TRP C 69 2.20 -10.51 36.25
CA TRP C 69 2.06 -10.08 34.86
C TRP C 69 0.60 -9.83 34.37
N SER C 70 -0.27 -9.37 35.25
CA SER C 70 -1.67 -9.09 34.82
C SER C 70 -1.98 -7.62 34.44
N GLY C 71 -0.97 -6.74 34.49
CA GLY C 71 -1.10 -5.36 33.99
C GLY C 71 -0.56 -5.16 32.58
N CYS C 72 -0.04 -6.24 31.99
CA CYS C 72 0.58 -6.21 30.67
C CYS C 72 -0.45 -6.19 29.57
N SER C 73 -0.28 -5.30 28.58
CA SER C 73 -1.15 -5.27 27.39
C SER C 73 -0.85 -6.46 26.48
N GLU C 74 -1.80 -6.80 25.61
CA GLU C 74 -1.63 -7.92 24.66
C GLU C 74 -0.38 -7.80 23.80
N GLU C 75 -0.14 -6.59 23.30
CA GLU C 75 1.06 -6.28 22.54
C GLU C 75 2.33 -6.55 23.37
N GLU C 76 2.37 -6.07 24.60
CA GLU C 76 3.51 -6.33 25.46
C GLU C 76 3.69 -7.83 25.78
N LEU C 77 2.60 -8.54 26.05
CA LEU C 77 2.66 -10.00 26.24
C LEU C 77 3.17 -10.67 24.97
N ASP C 78 2.70 -10.19 23.83
CA ASP C 78 3.15 -10.73 22.56
C ASP C 78 4.66 -10.52 22.32
N SER C 79 5.17 -9.35 22.70
CA SER C 79 6.61 -9.05 22.66
C SER C 79 7.44 -9.92 23.61
N ALA C 80 6.87 -10.22 24.78
CA ALA C 80 7.49 -11.15 25.74
C ALA C 80 7.64 -12.55 25.15
N GLY C 81 6.63 -12.97 24.37
CA GLY C 81 6.68 -14.26 23.67
C GLY C 81 7.80 -14.34 22.67
N ASP C 82 7.94 -13.29 21.86
CA ASP C 82 9.01 -13.19 20.89
C ASP C 82 10.40 -13.14 21.51
N GLY C 83 10.53 -12.44 22.63
CA GLY C 83 11.80 -12.38 23.37
C GLY C 83 12.19 -13.75 23.92
N LEU C 84 11.23 -14.45 24.52
CA LEU C 84 11.38 -15.86 24.90
C LEU C 84 11.80 -16.76 23.73
N GLU C 85 11.06 -16.65 22.62
CA GLU C 85 11.41 -17.35 21.39
C GLU C 85 12.88 -17.10 21.08
N LYS C 86 13.25 -15.82 20.97
CA LYS C 86 14.60 -15.45 20.62
C LYS C 86 15.64 -16.02 21.59
N TYR C 87 15.44 -15.84 22.88
CA TYR C 87 16.39 -16.36 23.88
C TYR C 87 16.57 -17.88 23.73
N VAL C 88 15.45 -18.60 23.75
CA VAL C 88 15.44 -20.05 23.71
C VAL C 88 16.02 -20.52 22.39
N MET C 89 15.51 -20.00 21.28
CA MET C 89 15.99 -20.45 19.98
C MET C 89 17.48 -20.20 19.73
N THR C 90 18.00 -19.08 20.21
CA THR C 90 19.42 -18.77 20.10
C THR C 90 20.30 -19.77 20.89
N LYS C 91 19.77 -20.23 22.03
CA LYS C 91 20.44 -21.24 22.84
C LYS C 91 20.48 -22.56 22.12
N LEU C 92 19.36 -22.89 21.48
CA LEU C 92 19.18 -24.21 20.85
C LEU C 92 19.70 -24.26 19.40
N PHE C 93 20.11 -23.10 18.89
CA PHE C 93 20.30 -22.92 17.45
C PHE C 93 21.06 -24.02 16.76
N THR C 94 22.30 -24.30 17.22
CA THR C 94 23.15 -25.29 16.54
C THR C 94 22.64 -26.74 16.68
N ARG C 95 21.84 -27.02 17.70
CA ARG C 95 21.24 -28.34 17.81
C ARG C 95 20.16 -28.58 16.74
N VAL C 96 19.29 -27.58 16.57
CA VAL C 96 18.08 -27.72 15.78
C VAL C 96 18.17 -27.25 14.32
N PHE C 97 19.18 -26.48 13.97
CA PHE C 97 19.22 -25.84 12.64
C PHE C 97 20.15 -26.55 11.66
N ALA C 98 19.63 -26.87 10.47
CA ALA C 98 20.36 -27.62 9.46
C ALA C 98 21.23 -28.71 10.10
N SER C 99 20.60 -29.52 10.95
CA SER C 99 21.34 -30.34 11.91
C SER C 99 21.43 -31.79 11.51
N ASN C 100 21.08 -32.11 10.26
CA ASN C 100 21.22 -33.48 9.78
C ASN C 100 21.60 -33.48 8.32
N THR C 101 22.04 -34.66 7.84
CA THR C 101 22.52 -34.82 6.49
C THR C 101 21.46 -34.52 5.42
N GLU C 102 20.21 -34.90 5.66
CA GLU C 102 19.21 -34.68 4.62
C GLU C 102 18.93 -33.18 4.39
N GLU C 103 18.91 -32.38 5.45
CA GLU C 103 18.79 -30.93 5.30
C GLU C 103 20.04 -30.29 4.65
N VAL C 104 21.23 -30.67 5.09
CA VAL C 104 22.49 -30.29 4.45
C VAL C 104 22.50 -30.59 2.95
N ILE C 105 22.09 -31.82 2.60
CA ILE C 105 21.96 -32.20 1.20
C ILE C 105 20.93 -31.35 0.43
N ALA C 106 19.76 -31.13 1.02
CA ALA C 106 18.72 -30.30 0.38
C ALA C 106 19.11 -28.83 0.23
N ASP C 107 19.83 -28.30 1.22
CA ASP C 107 20.37 -26.96 1.13
C ASP C 107 21.29 -26.79 -0.09
N GLU C 108 22.25 -27.71 -0.22
CA GLU C 108 23.26 -27.69 -1.29
C GLU C 108 22.67 -27.81 -2.66
N LYS C 109 21.67 -28.67 -2.80
CA LYS C 109 20.97 -28.86 -4.07
C LYS C 109 20.33 -27.56 -4.55
N LEU C 110 19.75 -26.81 -3.61
CA LEU C 110 19.11 -25.55 -3.91
C LEU C 110 20.15 -24.50 -4.31
N PHE C 111 21.21 -24.42 -3.51
CA PHE C 111 22.26 -23.45 -3.72
C PHE C 111 22.91 -23.66 -5.07
N GLN C 112 23.21 -24.94 -5.39
CA GLN C 112 23.82 -25.32 -6.67
C GLN C 112 22.95 -24.86 -7.85
N LYS C 113 21.69 -25.27 -7.83
CA LYS C 113 20.70 -24.86 -8.84
C LYS C 113 20.67 -23.36 -9.01
N MET C 114 20.46 -22.61 -7.93
CA MET C 114 20.31 -21.17 -8.04
C MET C 114 21.58 -20.46 -8.50
N SER C 115 22.76 -20.93 -8.06
CA SER C 115 24.05 -20.35 -8.48
C SER C 115 24.27 -20.41 -10.00
N LEU C 116 23.74 -21.47 -10.60
CA LEU C 116 23.75 -21.65 -12.05
C LEU C 116 22.59 -20.87 -12.70
N VAL C 117 21.36 -21.25 -12.36
CA VAL C 117 20.15 -20.68 -12.96
C VAL C 117 20.05 -19.12 -12.84
N GLN C 118 20.53 -18.55 -11.72
CA GLN C 118 20.51 -17.06 -11.57
C GLN C 118 21.30 -16.33 -12.68
N GLN C 119 22.26 -17.03 -13.27
CA GLN C 119 23.13 -16.50 -14.30
C GLN C 119 22.48 -16.31 -15.64
N PHE C 120 21.43 -17.08 -15.94
CA PHE C 120 20.78 -16.92 -17.24
C PHE C 120 19.27 -16.72 -17.25
N ILE C 121 18.62 -16.89 -16.09
CA ILE C 121 17.15 -16.83 -16.07
C ILE C 121 16.69 -15.38 -16.33
N SER C 122 15.59 -15.28 -17.06
CA SER C 122 15.00 -14.00 -17.43
C SER C 122 13.53 -14.03 -17.00
N PRO C 123 12.94 -12.85 -16.73
CA PRO C 123 11.52 -12.82 -16.30
C PRO C 123 10.47 -13.56 -17.16
N GLU C 124 10.70 -13.66 -18.46
CA GLU C 124 9.75 -14.33 -19.35
C GLU C 124 9.76 -15.85 -19.17
N ASN C 125 10.90 -16.38 -18.72
CA ASN C 125 11.00 -17.78 -18.31
C ASN C 125 9.91 -18.14 -17.27
N LEU C 126 9.48 -17.15 -16.48
CA LEU C 126 8.61 -17.39 -15.34
C LEU C 126 7.21 -16.79 -15.53
N ASP C 127 6.96 -16.36 -16.76
CA ASP C 127 5.75 -15.61 -17.18
C ASP C 127 5.59 -14.22 -16.62
N ILE C 128 6.67 -13.58 -16.22
CA ILE C 128 6.59 -12.19 -15.76
C ILE C 128 6.48 -11.31 -17.01
N GLN C 129 5.34 -10.63 -17.14
CA GLN C 129 5.06 -9.76 -18.28
C GLN C 129 5.86 -8.46 -18.23
N PRO C 130 6.33 -8.00 -19.41
CA PRO C 130 7.15 -6.79 -19.46
C PRO C 130 6.49 -5.58 -18.78
N THR C 131 5.18 -5.60 -18.70
CA THR C 131 4.42 -4.51 -18.13
C THR C 131 4.62 -4.47 -16.58
N PHE C 132 5.11 -5.58 -16.00
CA PHE C 132 5.38 -5.65 -14.57
C PHE C 132 6.87 -5.71 -14.22
N GLN C 133 7.74 -5.54 -15.23
CA GLN C 133 9.19 -5.47 -15.09
C GLN C 133 9.54 -4.39 -14.11
N ASN C 134 10.50 -4.68 -13.23
CA ASN C 134 11.15 -3.65 -12.44
C ASN C 134 12.57 -3.54 -12.94
N GLU C 135 13.07 -2.31 -13.09
CA GLU C 135 14.43 -2.08 -13.62
C GLU C 135 15.62 -2.46 -12.75
N SER C 136 15.52 -2.35 -11.42
CA SER C 136 16.52 -2.90 -10.50
C SER C 136 16.44 -4.45 -10.35
N SER C 137 15.53 -5.08 -11.07
CA SER C 137 15.22 -6.49 -10.85
C SER C 137 14.87 -6.74 -9.39
N TRP C 138 14.09 -5.82 -8.82
CA TRP C 138 13.60 -5.94 -7.44
C TRP C 138 14.77 -6.17 -6.47
N LEU C 139 15.85 -5.39 -6.67
CA LEU C 139 17.10 -5.52 -5.91
C LEU C 139 16.90 -5.52 -4.39
N LEU C 140 16.10 -4.59 -3.90
CA LEU C 140 15.86 -4.43 -2.48
C LEU C 140 15.15 -5.62 -1.83
N ALA C 141 14.23 -6.26 -2.56
CA ALA C 141 13.60 -7.54 -2.18
C ALA C 141 14.64 -8.65 -2.07
N GLN C 142 15.56 -8.71 -3.03
CA GLN C 142 16.69 -9.62 -2.99
C GLN C 142 17.48 -9.51 -1.69
N LYS C 143 17.78 -8.26 -1.32
CA LYS C 143 18.65 -7.95 -0.18
C LYS C 143 18.01 -8.20 1.16
N GLU C 144 16.70 -7.93 1.23
CA GLU C 144 15.88 -8.26 2.39
C GLU C 144 15.89 -9.76 2.62
N LEU C 145 15.72 -10.56 1.56
CA LEU C 145 15.78 -12.01 1.67
C LEU C 145 17.16 -12.49 2.17
N GLN C 146 18.22 -11.89 1.65
CA GLN C 146 19.59 -12.26 2.02
C GLN C 146 19.99 -12.00 3.46
N LYS C 147 19.23 -11.20 4.18
CA LYS C 147 19.51 -10.90 5.57
C LYS C 147 19.16 -12.09 6.48
N ILE C 148 18.64 -13.17 5.87
CA ILE C 148 18.03 -14.27 6.60
C ILE C 148 19.01 -14.98 7.57
N ASN C 149 20.25 -15.21 7.14
CA ASN C 149 21.26 -15.79 8.02
C ASN C 149 22.03 -14.79 8.87
N MET C 150 21.54 -13.55 8.96
CA MET C 150 22.03 -12.58 9.94
C MET C 150 21.28 -12.67 11.28
N TYR C 151 20.27 -13.53 11.34
CA TYR C 151 19.40 -13.66 12.50
C TYR C 151 19.19 -15.12 12.90
N LYS C 152 19.06 -15.38 14.20
CA LYS C 152 18.90 -16.72 14.73
C LYS C 152 17.45 -17.02 15.10
N ALA C 153 16.69 -16.00 15.50
CA ALA C 153 15.31 -16.16 15.95
C ALA C 153 14.34 -16.43 14.78
N PRO C 154 13.42 -17.40 14.93
CA PRO C 154 12.45 -17.66 13.85
C PRO C 154 11.66 -16.40 13.40
N ARG C 155 11.16 -15.63 14.37
CA ARG C 155 10.51 -14.36 14.08
C ARG C 155 11.34 -13.47 13.14
N ASP C 156 12.63 -13.29 13.45
CA ASP C 156 13.47 -12.33 12.72
C ASP C 156 13.86 -12.83 11.32
N LYS C 157 14.12 -14.13 11.21
CA LYS C 157 14.20 -14.83 9.92
C LYS C 157 12.94 -14.67 9.04
N LEU C 158 11.75 -14.89 9.60
CA LEU C 158 10.48 -14.79 8.90
C LEU C 158 10.26 -13.36 8.39
N VAL C 159 10.61 -12.39 9.24
CA VAL C 159 10.47 -10.96 8.92
C VAL C 159 11.25 -10.56 7.65
N CYS C 160 12.40 -11.19 7.42
CA CYS C 160 13.17 -11.06 6.18
C CYS C 160 12.36 -11.47 4.93
N ILE C 161 11.84 -12.69 4.97
CA ILE C 161 10.83 -13.18 4.01
C ILE C 161 9.64 -12.23 3.80
N LEU C 162 9.03 -11.79 4.90
CA LEU C 162 7.89 -10.91 4.81
C LEU C 162 8.26 -9.54 4.25
N ASN C 163 9.37 -8.96 4.72
CA ASN C 163 9.92 -7.72 4.14
C ASN C 163 10.15 -7.83 2.63
N CYS C 164 10.81 -8.90 2.21
CA CYS C 164 10.99 -9.25 0.81
C CYS C 164 9.64 -9.18 0.08
N CYS C 165 8.62 -9.90 0.59
CA CYS C 165 7.30 -9.94 -0.03
C CYS C 165 6.62 -8.56 -0.09
N LYS C 166 6.73 -7.77 0.97
CA LYS C 166 6.13 -6.43 0.97
C LYS C 166 6.76 -5.58 -0.13
N VAL C 167 8.08 -5.66 -0.21
CA VAL C 167 8.86 -4.91 -1.18
C VAL C 167 8.49 -5.27 -2.62
N ILE C 168 8.45 -6.56 -2.94
CA ILE C 168 7.98 -7.02 -4.23
C ILE C 168 6.61 -6.46 -4.57
N ASN C 169 5.67 -6.54 -3.61
CA ASN C 169 4.31 -6.08 -3.82
C ASN C 169 4.17 -4.59 -4.14
N ASN C 170 4.95 -3.78 -3.42
CA ASN C 170 5.02 -2.34 -3.67
C ASN C 170 5.67 -2.06 -5.01
N LEU C 171 6.75 -2.76 -5.34
CA LEU C 171 7.32 -2.63 -6.70
C LEU C 171 6.36 -3.04 -7.82
N LEU C 172 5.59 -4.13 -7.63
CA LEU C 172 4.58 -4.55 -8.61
C LEU C 172 3.50 -3.50 -8.79
N LEU C 173 3.03 -2.95 -7.67
CA LEU C 173 2.08 -1.87 -7.68
C LEU C 173 2.56 -0.68 -8.53
N ASN C 174 3.79 -0.24 -8.33
CA ASN C 174 4.36 0.88 -9.09
C ASN C 174 4.36 0.59 -10.58
N ALA C 175 4.76 -0.64 -10.97
CA ALA C 175 4.75 -1.10 -12.36
C ALA C 175 3.36 -1.02 -12.93
N SER C 176 2.38 -1.58 -12.24
CA SER C 176 1.01 -1.48 -12.71
C SER C 176 0.53 -0.02 -12.82
N ILE C 177 0.84 0.82 -11.82
CA ILE C 177 0.51 2.26 -11.91
C ILE C 177 1.06 2.86 -13.23
N ALA C 178 2.36 2.74 -13.45
CA ALA C 178 3.04 3.25 -14.65
C ALA C 178 2.57 2.70 -16.01
N SER C 179 2.17 1.43 -16.06
CA SER C 179 1.79 0.82 -17.33
C SER C 179 0.27 0.67 -17.53
N ASN C 180 -0.50 1.33 -16.68
CA ASN C 180 -1.96 1.25 -16.71
C ASN C 180 -2.52 -0.16 -16.70
N GLU C 181 -1.99 -0.94 -15.78
CA GLU C 181 -2.40 -2.30 -15.59
C GLU C 181 -3.31 -2.43 -14.36
N ASN C 182 -4.01 -3.54 -14.27
CA ASN C 182 -4.80 -3.89 -13.10
C ASN C 182 -3.87 -4.26 -11.93
N ALA C 183 -4.37 -4.19 -10.71
CA ALA C 183 -3.57 -4.45 -9.51
C ALA C 183 -3.01 -5.90 -9.54
N PRO C 184 -1.74 -6.07 -9.17
CA PRO C 184 -1.17 -7.41 -9.21
C PRO C 184 -1.82 -8.33 -8.18
N GLY C 185 -1.95 -9.60 -8.52
CA GLY C 185 -2.30 -10.58 -7.53
C GLY C 185 -1.24 -11.66 -7.54
N ALA C 186 -1.66 -12.89 -7.18
CA ALA C 186 -0.75 -14.04 -7.10
C ALA C 186 -0.07 -14.40 -8.44
N ASP C 187 -0.72 -14.13 -9.57
CA ASP C 187 -0.13 -14.41 -10.90
C ASP C 187 1.09 -13.54 -11.21
N GLU C 188 1.13 -12.36 -10.63
CA GLU C 188 2.26 -11.47 -10.78
C GLU C 188 3.28 -11.72 -9.68
N PHE C 189 2.80 -11.97 -8.46
CA PHE C 189 3.63 -12.03 -7.27
C PHE C 189 4.53 -13.27 -7.22
N LEU C 190 3.93 -14.44 -7.39
CA LEU C 190 4.66 -15.69 -7.26
C LEU C 190 5.87 -15.78 -8.25
N PRO C 191 5.65 -15.59 -9.57
CA PRO C 191 6.80 -15.57 -10.49
C PRO C 191 7.94 -14.63 -10.05
N VAL C 192 7.59 -13.43 -9.56
CA VAL C 192 8.58 -12.45 -9.12
C VAL C 192 9.28 -12.87 -7.84
N LEU C 193 8.55 -13.47 -6.88
CA LEU C 193 9.19 -14.02 -5.67
C LEU C 193 10.15 -15.14 -6.08
N ILE C 194 9.71 -16.03 -6.97
CA ILE C 194 10.64 -17.02 -7.52
C ILE C 194 11.91 -16.36 -8.13
N TYR C 195 11.77 -15.38 -8.99
CA TYR C 195 12.89 -14.75 -9.68
C TYR C 195 13.85 -14.12 -8.67
N VAL C 196 13.25 -13.35 -7.75
CA VAL C 196 13.94 -12.71 -6.65
C VAL C 196 14.71 -13.70 -5.77
N THR C 197 14.09 -14.84 -5.47
CA THR C 197 14.73 -15.85 -4.63
C THR C 197 15.92 -16.48 -5.39
N ILE C 198 15.72 -16.88 -6.63
CA ILE C 198 16.85 -17.31 -7.51
C ILE C 198 18.02 -16.30 -7.54
N LYS C 199 17.70 -15.04 -7.78
CA LYS C 199 18.71 -14.02 -7.75
C LYS C 199 19.42 -13.78 -6.38
N ALA C 200 18.65 -13.75 -5.29
CA ALA C 200 19.21 -13.63 -3.93
C ALA C 200 20.01 -14.86 -3.53
N ASN C 201 19.60 -16.05 -3.98
CA ASN C 201 20.23 -17.32 -3.53
C ASN C 201 20.66 -17.29 -2.05
N PRO C 202 19.70 -17.15 -1.11
CA PRO C 202 20.12 -17.06 0.29
C PRO C 202 20.58 -18.43 0.80
N PRO C 203 21.73 -18.50 1.49
CA PRO C 203 22.31 -19.77 1.93
C PRO C 203 21.36 -20.50 2.84
N GLN C 204 21.31 -21.81 2.68
CA GLN C 204 20.53 -22.70 3.55
C GLN C 204 19.08 -22.30 3.57
N LEU C 205 18.55 -22.06 2.38
CA LEU C 205 17.16 -21.67 2.22
C LEU C 205 16.21 -22.79 2.67
N HIS C 206 16.57 -24.03 2.40
CA HIS C 206 15.74 -25.16 2.80
C HIS C 206 15.69 -25.32 4.32
N SER C 207 16.85 -25.24 4.98
CA SER C 207 16.92 -25.32 6.44
C SER C 207 16.30 -24.11 7.12
N ASN C 208 16.47 -22.93 6.53
CA ASN C 208 15.83 -21.74 7.06
C ASN C 208 14.31 -21.89 7.13
N LEU C 209 13.68 -22.34 6.03
CA LEU C 209 12.22 -22.44 5.97
C LEU C 209 11.65 -23.51 6.92
N LEU C 210 12.31 -24.66 6.92
CA LEU C 210 12.04 -25.75 7.87
C LEU C 210 12.10 -25.31 9.34
N TYR C 211 13.12 -24.52 9.68
CA TYR C 211 13.31 -23.98 11.03
C TYR C 211 12.24 -22.96 11.43
N ILE C 212 11.88 -22.07 10.52
CA ILE C 212 10.77 -21.14 10.78
C ILE C 212 9.47 -21.91 10.95
N GLN C 213 9.23 -22.90 10.08
CA GLN C 213 8.03 -23.71 10.16
C GLN C 213 7.92 -24.41 11.50
N ARG C 214 9.04 -25.00 11.94
CA ARG C 214 9.11 -25.76 13.17
C ARG C 214 9.08 -24.92 14.43
N TYR C 215 9.77 -23.76 14.40
CA TYR C 215 10.11 -23.06 15.65
C TYR C 215 9.53 -21.67 15.89
N ARG C 216 8.96 -21.06 14.85
CA ARG C 216 8.21 -19.81 15.04
C ARG C 216 7.07 -20.14 16.00
N ARG C 217 6.66 -19.17 16.81
CA ARG C 217 5.54 -19.40 17.73
C ARG C 217 4.32 -19.76 16.91
N GLU C 218 3.75 -20.94 17.19
CA GLU C 218 2.73 -21.52 16.31
C GLU C 218 1.53 -20.59 16.13
N SER C 219 1.17 -19.87 17.19
CA SER C 219 0.07 -18.89 17.17
C SER C 219 0.31 -17.72 16.23
N LYS C 220 1.57 -17.51 15.84
CA LYS C 220 1.97 -16.38 15.00
C LYS C 220 2.12 -16.72 13.49
N LEU C 221 2.22 -18.01 13.19
CA LEU C 221 2.35 -18.47 11.80
C LEU C 221 0.96 -18.68 11.24
N VAL C 222 0.27 -17.58 11.01
CA VAL C 222 -1.12 -17.58 10.63
C VAL C 222 -1.36 -16.36 9.76
N GLY C 223 -2.55 -16.28 9.20
CA GLY C 223 -3.02 -15.09 8.51
C GLY C 223 -2.18 -14.83 7.29
N GLU C 224 -1.82 -13.57 7.12
CA GLU C 224 -1.05 -13.14 5.96
C GLU C 224 0.41 -13.59 6.08
N ALA C 225 0.92 -13.69 7.30
CA ALA C 225 2.24 -14.24 7.52
C ALA C 225 2.34 -15.66 6.97
N ALA C 226 1.34 -16.51 7.25
CA ALA C 226 1.37 -17.88 6.74
C ALA C 226 1.15 -17.97 5.23
N TYR C 227 0.38 -17.05 4.65
CA TYR C 227 0.19 -17.00 3.18
C TYR C 227 1.47 -16.70 2.43
N PHE C 228 2.20 -15.68 2.88
CA PHE C 228 3.49 -15.37 2.28
C PHE C 228 4.55 -16.42 2.61
N PHE C 229 4.46 -16.99 3.80
CA PHE C 229 5.32 -18.12 4.11
C PHE C 229 5.07 -19.31 3.19
N THR C 230 3.80 -19.58 2.86
CA THR C 230 3.50 -20.62 1.88
C THR C 230 4.03 -20.28 0.47
N ASN C 231 4.01 -19.00 0.10
CA ASN C 231 4.55 -18.53 -1.16
C ASN C 231 6.03 -18.87 -1.30
N ILE C 232 6.82 -18.59 -0.26
CA ILE C 232 8.24 -18.91 -0.37
C ILE C 232 8.51 -20.42 -0.30
N LEU C 233 7.73 -21.17 0.49
CA LEU C 233 7.84 -22.64 0.46
C LEU C 233 7.58 -23.25 -0.92
N SER C 234 6.62 -22.68 -1.65
CA SER C 234 6.28 -23.21 -2.96
C SER C 234 7.31 -22.69 -3.98
N ALA C 235 7.82 -21.47 -3.76
CA ALA C 235 9.01 -20.99 -4.48
C ALA C 235 10.23 -21.92 -4.32
N GLU C 236 10.58 -22.30 -3.09
CA GLU C 236 11.63 -23.31 -2.84
C GLU C 236 11.41 -24.56 -3.68
N SER C 237 10.17 -25.06 -3.64
CA SER C 237 9.74 -26.27 -4.33
C SER C 237 9.96 -26.18 -5.85
N PHE C 238 9.54 -25.07 -6.43
CA PHE C 238 9.66 -24.83 -7.85
C PHE C 238 11.12 -24.77 -8.25
N ILE C 239 11.88 -24.00 -7.48
CA ILE C 239 13.28 -23.81 -7.75
C ILE C 239 13.99 -25.15 -7.67
N SER C 240 13.73 -25.95 -6.64
CA SER C 240 14.29 -27.33 -6.53
C SER C 240 14.15 -28.14 -7.81
N ASN C 241 13.03 -27.94 -8.47
CA ASN C 241 12.61 -28.80 -9.55
C ASN C 241 12.77 -28.18 -10.93
N ILE C 242 13.62 -27.18 -11.05
CA ILE C 242 13.78 -26.45 -12.29
C ILE C 242 14.52 -27.33 -13.26
N ASP C 243 13.91 -27.47 -14.42
CA ASP C 243 14.53 -28.02 -15.61
C ASP C 243 14.08 -27.16 -16.79
N ALA C 244 14.55 -27.52 -17.99
CA ALA C 244 14.25 -26.83 -19.26
C ALA C 244 12.78 -26.51 -19.41
N LYS C 245 11.95 -27.52 -19.20
CA LYS C 245 10.52 -27.38 -19.38
C LYS C 245 9.91 -26.42 -18.34
N SER C 246 10.44 -26.40 -17.13
CA SER C 246 9.73 -25.64 -16.09
C SER C 246 9.99 -24.13 -16.20
N ILE C 247 11.04 -23.76 -16.94
CA ILE C 247 11.28 -22.36 -17.34
C ILE C 247 11.26 -22.11 -18.86
N SER C 248 10.61 -22.99 -19.62
CA SER C 248 10.27 -22.74 -21.01
C SER C 248 11.48 -22.37 -21.86
N LEU C 249 12.49 -23.23 -21.79
CA LEU C 249 13.65 -23.18 -22.63
C LEU C 249 13.73 -24.54 -23.32
N ASP C 250 14.26 -24.55 -24.54
CA ASP C 250 14.55 -25.80 -25.22
C ASP C 250 15.61 -26.54 -24.39
N GLU C 251 15.59 -27.86 -24.43
CA GLU C 251 16.48 -28.68 -23.57
C GLU C 251 17.96 -28.50 -23.82
N ALA C 252 18.36 -28.45 -25.09
CA ALA C 252 19.75 -28.17 -25.47
C ALA C 252 20.16 -26.78 -25.00
N GLU C 253 19.22 -25.86 -25.12
CA GLU C 253 19.41 -24.47 -24.74
C GLU C 253 19.64 -24.43 -23.24
N PHE C 254 18.78 -25.14 -22.51
CA PHE C 254 18.84 -25.17 -21.07
C PHE C 254 20.16 -25.80 -20.61
N GLU C 255 20.50 -26.92 -21.23
CA GLU C 255 21.72 -27.64 -20.85
C GLU C 255 23.01 -26.87 -21.16
N LYS C 256 23.00 -26.17 -22.29
CA LYS C 256 24.12 -25.38 -22.70
C LYS C 256 24.31 -24.22 -21.71
N ASN C 257 23.21 -23.58 -21.34
CA ASN C 257 23.21 -22.52 -20.31
C ASN C 257 23.77 -22.94 -18.96
N MET C 258 23.42 -24.16 -18.52
CA MET C 258 23.93 -24.71 -17.26
C MET C 258 25.48 -24.86 -17.28
N GLU C 259 26.03 -25.28 -18.42
CA GLU C 259 27.48 -25.45 -18.54
C GLU C 259 28.27 -24.15 -18.67
N SER C 260 27.70 -23.17 -19.38
CA SER C 260 28.26 -21.81 -19.39
C SER C 260 28.28 -21.21 -17.99
N ALA C 261 27.23 -21.51 -17.21
CA ALA C 261 27.12 -21.11 -15.82
C ALA C 261 28.17 -21.79 -14.91
N ARG C 262 28.29 -23.11 -15.03
CA ARG C 262 29.34 -23.87 -14.34
C ARG C 262 30.75 -23.35 -14.55
N ALA C 263 31.13 -23.19 -15.82
CA ALA C 263 32.42 -22.62 -16.23
C ALA C 263 32.65 -21.16 -15.78
N ARG C 264 31.60 -20.44 -15.45
CA ARG C 264 31.77 -19.09 -14.88
C ARG C 264 32.17 -19.06 -13.41
N SER D 10 -15.85 -16.02 14.21
CA SER D 10 -16.43 -17.21 14.91
C SER D 10 -16.55 -18.42 13.97
N ILE D 11 -17.02 -18.17 12.75
CA ILE D 11 -16.80 -19.10 11.63
C ILE D 11 -15.64 -18.56 10.79
N ASN D 12 -14.55 -19.32 10.77
CA ASN D 12 -13.35 -19.00 9.96
C ASN D 12 -13.23 -19.84 8.69
N ALA D 13 -13.30 -19.18 7.54
CA ALA D 13 -13.27 -19.89 6.26
C ALA D 13 -12.05 -19.51 5.40
N LYS D 14 -11.20 -20.50 5.12
CA LYS D 14 -10.18 -20.30 4.09
C LYS D 14 -10.76 -20.61 2.72
N LEU D 15 -10.71 -19.60 1.86
CA LEU D 15 -11.29 -19.67 0.54
C LEU D 15 -10.16 -19.47 -0.48
N VAL D 16 -9.90 -20.47 -1.34
CA VAL D 16 -8.90 -20.32 -2.41
C VAL D 16 -9.56 -19.80 -3.70
N LEU D 17 -8.85 -18.97 -4.46
CA LEU D 17 -9.25 -18.59 -5.81
C LEU D 17 -8.35 -19.34 -6.78
N LEU D 18 -8.96 -20.06 -7.72
CA LEU D 18 -8.24 -20.87 -8.73
C LEU D 18 -8.76 -20.51 -10.12
N GLY D 19 -7.88 -20.58 -11.12
CA GLY D 19 -8.24 -20.31 -12.50
C GLY D 19 -7.04 -19.70 -13.18
N ASP D 20 -7.04 -19.68 -14.51
CA ASP D 20 -5.82 -19.22 -15.16
C ASP D 20 -5.74 -17.73 -15.31
N VAL D 21 -4.56 -17.23 -15.67
CA VAL D 21 -4.34 -15.79 -15.71
C VAL D 21 -5.19 -15.08 -16.78
N GLY D 22 -5.71 -13.91 -16.41
CA GLY D 22 -6.63 -13.18 -17.27
C GLY D 22 -8.09 -13.42 -16.91
N ALA D 23 -8.39 -14.58 -16.30
CA ALA D 23 -9.76 -14.92 -15.86
C ALA D 23 -10.47 -13.83 -15.03
N GLY D 24 -9.72 -13.19 -14.13
CA GLY D 24 -10.27 -12.11 -13.30
C GLY D 24 -10.32 -12.38 -11.80
N LYS D 25 -9.44 -13.25 -11.30
CA LYS D 25 -9.45 -13.60 -9.87
C LYS D 25 -9.22 -12.39 -8.95
N SER D 26 -8.28 -11.54 -9.34
CA SER D 26 -7.88 -10.36 -8.58
C SER D 26 -8.98 -9.30 -8.69
N SER D 27 -9.51 -9.11 -9.90
CA SER D 27 -10.58 -8.14 -10.16
C SER D 27 -11.82 -8.43 -9.30
N LEU D 28 -12.14 -9.71 -9.18
CA LEU D 28 -13.30 -10.19 -8.43
C LEU D 28 -13.18 -9.87 -6.94
N VAL D 29 -12.09 -10.29 -6.33
CA VAL D 29 -11.83 -10.03 -4.90
C VAL D 29 -11.69 -8.51 -4.54
N LEU D 30 -10.89 -7.75 -5.29
CA LEU D 30 -10.85 -6.27 -5.20
C LEU D 30 -12.25 -5.63 -5.26
N ARG D 31 -13.08 -6.06 -6.21
CA ARG D 31 -14.49 -5.65 -6.25
C ARG D 31 -15.24 -6.00 -5.00
N PHE D 32 -15.13 -7.25 -4.58
CA PHE D 32 -15.78 -7.72 -3.38
C PHE D 32 -15.32 -6.94 -2.15
N VAL D 33 -14.00 -6.83 -2.01
CA VAL D 33 -13.36 -6.31 -0.81
C VAL D 33 -13.39 -4.78 -0.78
N LYS D 34 -12.98 -4.16 -1.90
CA LYS D 34 -12.70 -2.72 -1.91
C LYS D 34 -13.79 -1.93 -2.63
N ASP D 35 -14.58 -2.65 -3.43
CA ASP D 35 -15.69 -2.09 -4.20
C ASP D 35 -15.21 -1.13 -5.31
N GLN D 36 -14.01 -1.41 -5.83
CA GLN D 36 -13.41 -0.68 -6.95
C GLN D 36 -13.09 -1.61 -8.12
N PHE D 37 -13.12 -1.04 -9.32
CA PHE D 37 -12.60 -1.70 -10.50
C PHE D 37 -11.71 -0.70 -11.21
N VAL D 38 -10.56 -1.18 -11.68
CA VAL D 38 -9.45 -0.32 -12.12
C VAL D 38 -9.82 0.76 -13.15
N GLU D 39 -10.82 0.47 -13.98
CA GLU D 39 -11.30 1.39 -15.01
C GLU D 39 -11.96 2.60 -14.36
N PHE D 40 -12.45 2.41 -13.14
CA PHE D 40 -13.18 3.45 -12.40
C PHE D 40 -12.36 4.05 -11.27
N GLN D 41 -11.95 3.19 -10.32
CA GLN D 41 -11.16 3.63 -9.17
C GLN D 41 -9.73 3.12 -9.26
N GLU D 42 -8.77 4.06 -9.19
CA GLU D 42 -7.36 3.75 -9.41
C GLU D 42 -6.74 2.78 -8.39
N SER D 43 -5.75 2.00 -8.82
CA SER D 43 -5.21 0.88 -8.01
C SER D 43 -4.54 1.31 -6.72
N THR D 44 -4.89 0.61 -5.65
CA THR D 44 -4.55 0.99 -4.29
C THR D 44 -3.60 -0.01 -3.66
N ILE D 45 -3.99 -1.28 -3.73
CA ILE D 45 -3.31 -2.40 -3.07
C ILE D 45 -3.31 -3.61 -4.01
N GLY D 46 -2.46 -4.59 -3.69
CA GLY D 46 -2.44 -5.89 -4.35
C GLY D 46 -3.57 -6.79 -3.86
N ALA D 47 -3.79 -7.88 -4.58
CA ALA D 47 -4.97 -8.71 -4.34
C ALA D 47 -4.72 -10.21 -4.15
N ALA D 48 -3.52 -10.57 -3.69
CA ALA D 48 -3.20 -11.98 -3.44
C ALA D 48 -3.74 -12.47 -2.09
N PHE D 49 -3.91 -11.55 -1.14
CA PHE D 49 -4.45 -11.94 0.17
C PHE D 49 -5.36 -10.91 0.83
N PHE D 50 -6.51 -11.38 1.29
CA PHE D 50 -7.48 -10.54 1.96
C PHE D 50 -8.16 -11.27 3.10
N SER D 51 -8.40 -10.54 4.19
CA SER D 51 -9.36 -10.95 5.22
C SER D 51 -10.66 -10.16 5.05
N GLN D 52 -11.78 -10.87 4.97
CA GLN D 52 -13.09 -10.21 4.96
C GLN D 52 -14.14 -10.96 5.78
N THR D 53 -14.69 -10.24 6.76
CA THR D 53 -15.85 -10.67 7.54
C THR D 53 -17.14 -10.37 6.78
N LEU D 54 -18.16 -11.20 7.02
CA LEU D 54 -19.47 -11.04 6.36
C LEU D 54 -20.60 -11.58 7.24
N ALA D 55 -21.74 -10.89 7.17
CA ALA D 55 -22.93 -11.24 7.97
C ALA D 55 -23.94 -12.06 7.16
N VAL D 56 -24.22 -13.29 7.60
CA VAL D 56 -25.30 -14.10 7.01
C VAL D 56 -26.12 -14.87 8.04
N ASN D 57 -27.28 -14.31 8.39
CA ASN D 57 -28.29 -14.93 9.27
C ASN D 57 -27.78 -15.19 10.69
N ASP D 58 -27.73 -14.12 11.49
CA ASP D 58 -27.28 -14.15 12.91
C ASP D 58 -25.97 -14.93 13.22
N ALA D 59 -25.17 -15.17 12.18
CA ALA D 59 -23.85 -15.79 12.34
C ALA D 59 -22.84 -15.19 11.36
N THR D 60 -21.61 -15.04 11.84
CA THR D 60 -20.56 -14.35 11.10
C THR D 60 -19.53 -15.33 10.54
N VAL D 61 -19.22 -15.14 9.26
CA VAL D 61 -18.18 -15.90 8.58
C VAL D 61 -16.95 -15.00 8.38
N LYS D 62 -15.78 -15.47 8.79
CA LYS D 62 -14.55 -14.73 8.48
C LYS D 62 -13.72 -15.41 7.39
N PHE D 63 -13.78 -14.84 6.19
CA PHE D 63 -13.02 -15.33 5.04
C PHE D 63 -11.57 -14.92 5.09
N GLU D 64 -10.70 -15.87 4.85
CA GLU D 64 -9.33 -15.58 4.53
C GLU D 64 -9.18 -16.02 3.08
N ILE D 65 -8.90 -15.07 2.19
CA ILE D 65 -8.94 -15.27 0.75
C ILE D 65 -7.52 -15.35 0.09
N TRP D 66 -7.22 -16.53 -0.46
CA TRP D 66 -5.92 -16.90 -0.99
C TRP D 66 -5.94 -16.93 -2.50
N ASP D 67 -5.32 -15.96 -3.16
CA ASP D 67 -5.11 -16.05 -4.61
C ASP D 67 -4.03 -17.09 -4.92
N THR D 68 -4.10 -17.71 -6.10
CA THR D 68 -3.08 -18.68 -6.59
C THR D 68 -2.53 -18.28 -7.97
N ALA D 69 -1.32 -18.71 -8.29
CA ALA D 69 -0.76 -18.49 -9.62
C ALA D 69 -1.40 -19.46 -10.63
N GLY D 70 -2.02 -18.91 -11.67
CA GLY D 70 -2.80 -19.71 -12.59
C GLY D 70 -2.04 -20.33 -13.74
N GLN D 71 -0.80 -19.87 -13.99
CA GLN D 71 0.01 -20.36 -15.12
C GLN D 71 0.31 -21.84 -14.98
N GLU D 72 0.32 -22.55 -16.12
CA GLU D 72 0.56 -23.98 -16.19
C GLU D 72 1.85 -24.42 -15.48
N ARG D 73 2.91 -23.60 -15.57
CA ARG D 73 4.18 -24.03 -14.96
C ARG D 73 4.08 -24.10 -13.42
N TYR D 74 3.07 -23.42 -12.85
CA TYR D 74 2.89 -23.37 -11.40
C TYR D 74 1.80 -24.32 -10.93
N HIS D 75 1.19 -25.04 -11.84
CA HIS D 75 0.06 -25.90 -11.49
C HIS D 75 0.32 -26.85 -10.34
N SER D 76 1.47 -27.52 -10.38
CA SER D 76 1.83 -28.53 -9.40
C SER D 76 2.07 -27.97 -7.98
N LEU D 77 2.13 -26.63 -7.87
CA LEU D 77 2.31 -25.98 -6.58
C LEU D 77 1.00 -25.80 -5.84
N ALA D 78 -0.13 -25.76 -6.58
CA ALA D 78 -1.46 -25.46 -6.01
C ALA D 78 -1.94 -26.21 -4.78
N PRO D 79 -1.65 -27.53 -4.65
CA PRO D 79 -2.21 -28.22 -3.47
C PRO D 79 -1.77 -27.56 -2.16
N MET D 80 -0.56 -26.98 -2.14
CA MET D 80 -0.06 -26.17 -1.01
C MET D 80 -0.98 -24.98 -0.70
N TYR D 81 -1.62 -24.42 -1.72
CA TYR D 81 -2.60 -23.34 -1.51
C TYR D 81 -4.01 -23.83 -1.19
N TYR D 82 -4.48 -24.88 -1.85
CA TYR D 82 -5.88 -25.32 -1.61
C TYR D 82 -6.05 -26.34 -0.45
N ARG D 83 -4.91 -26.78 0.10
CA ARG D 83 -4.87 -27.62 1.29
C ARG D 83 -5.51 -26.94 2.48
N GLY D 84 -6.44 -27.64 3.12
CA GLY D 84 -7.17 -27.10 4.27
C GLY D 84 -8.21 -26.04 3.95
N ALA D 85 -8.57 -25.90 2.68
CA ALA D 85 -9.54 -24.86 2.25
C ALA D 85 -10.99 -25.27 2.49
N ALA D 86 -11.75 -24.43 3.18
CA ALA D 86 -13.20 -24.70 3.41
C ALA D 86 -14.06 -24.50 2.16
N ALA D 87 -13.59 -23.60 1.28
CA ALA D 87 -14.34 -23.10 0.13
C ALA D 87 -13.35 -22.72 -0.97
N ALA D 88 -13.84 -22.68 -2.21
CA ALA D 88 -13.04 -22.32 -3.37
C ALA D 88 -13.90 -21.70 -4.45
N ILE D 89 -13.41 -20.61 -5.05
CA ILE D 89 -14.00 -20.03 -6.24
C ILE D 89 -13.11 -20.37 -7.42
N ILE D 90 -13.69 -21.12 -8.37
CA ILE D 90 -13.01 -21.45 -9.61
C ILE D 90 -13.53 -20.50 -10.68
N VAL D 91 -12.70 -19.54 -11.04
CA VAL D 91 -13.02 -18.47 -11.98
C VAL D 91 -12.63 -18.87 -13.39
N PHE D 92 -13.51 -18.61 -14.34
CA PHE D 92 -13.14 -18.68 -15.74
C PHE D 92 -13.62 -17.40 -16.43
N ASP D 93 -13.09 -17.14 -17.61
CA ASP D 93 -13.49 -16.02 -18.43
C ASP D 93 -14.47 -16.57 -19.51
N VAL D 94 -15.71 -16.04 -19.51
CA VAL D 94 -16.75 -16.49 -20.47
C VAL D 94 -16.37 -16.28 -21.93
N THR D 95 -15.38 -15.43 -22.18
CA THR D 95 -14.98 -15.12 -23.56
C THR D 95 -13.81 -16.00 -24.05
N ASN D 96 -13.42 -16.96 -23.19
CA ASN D 96 -12.30 -17.85 -23.44
C ASN D 96 -12.68 -19.32 -23.13
N GLN D 97 -12.95 -20.12 -24.16
CA GLN D 97 -13.28 -21.54 -23.97
C GLN D 97 -12.18 -22.26 -23.19
N ALA D 98 -10.92 -21.94 -23.47
CA ALA D 98 -9.78 -22.62 -22.83
C ALA D 98 -9.74 -22.40 -21.32
N SER D 99 -10.15 -21.21 -20.87
CA SER D 99 -10.20 -20.89 -19.46
C SER D 99 -11.30 -21.70 -18.80
N PHE D 100 -12.34 -21.99 -19.57
CA PHE D 100 -13.46 -22.82 -19.11
C PHE D 100 -13.07 -24.30 -18.94
N GLU D 101 -12.37 -24.83 -19.95
CA GLU D 101 -11.85 -26.20 -19.89
C GLU D 101 -10.94 -26.37 -18.70
N ARG D 102 -10.13 -25.35 -18.44
CA ARG D 102 -9.17 -25.32 -17.32
C ARG D 102 -9.88 -25.25 -15.94
N ALA D 103 -11.00 -24.53 -15.89
CA ALA D 103 -11.77 -24.41 -14.68
C ALA D 103 -12.36 -25.78 -14.26
N LYS D 104 -12.74 -26.58 -15.25
CA LYS D 104 -13.26 -27.93 -15.00
C LYS D 104 -12.20 -28.88 -14.44
N LYS D 105 -11.00 -28.84 -15.00
CA LYS D 105 -9.94 -29.66 -14.45
C LYS D 105 -9.63 -29.25 -12.99
N TRP D 106 -9.72 -27.96 -12.68
CA TRP D 106 -9.59 -27.49 -11.29
C TRP D 106 -10.68 -28.08 -10.40
N VAL D 107 -11.92 -28.09 -10.87
CA VAL D 107 -13.02 -28.75 -10.15
C VAL D 107 -12.68 -30.25 -9.93
N GLN D 108 -12.28 -30.94 -10.99
CA GLN D 108 -11.97 -32.37 -10.88
C GLN D 108 -10.84 -32.60 -9.88
N GLU D 109 -9.88 -31.68 -9.85
CA GLU D 109 -8.72 -31.83 -8.98
C GLU D 109 -9.08 -31.61 -7.51
N LEU D 110 -9.89 -30.59 -7.24
CA LEU D 110 -10.36 -30.34 -5.88
C LEU D 110 -11.22 -31.48 -5.36
N GLN D 111 -11.95 -32.13 -6.27
CA GLN D 111 -12.74 -33.30 -5.92
C GLN D 111 -11.85 -34.47 -5.53
N ALA D 112 -10.79 -34.68 -6.29
CA ALA D 112 -9.84 -35.75 -6.01
C ALA D 112 -9.00 -35.45 -4.77
N GLN D 113 -8.54 -34.21 -4.62
CA GLN D 113 -7.47 -33.90 -3.66
C GLN D 113 -7.84 -32.96 -2.49
N GLY D 114 -8.81 -32.07 -2.71
CA GLY D 114 -9.27 -31.14 -1.69
C GLY D 114 -10.17 -31.81 -0.67
N ASN D 115 -10.50 -31.10 0.40
CA ASN D 115 -11.35 -31.70 1.43
C ASN D 115 -12.79 -31.92 0.92
N PRO D 116 -13.39 -33.07 1.28
CA PRO D 116 -14.64 -33.51 0.67
C PRO D 116 -15.81 -32.59 0.99
N ASN D 117 -15.70 -31.84 2.08
CA ASN D 117 -16.77 -30.90 2.47
C ASN D 117 -16.71 -29.48 1.84
N MET D 118 -15.61 -29.17 1.15
CA MET D 118 -15.37 -27.89 0.46
C MET D 118 -16.58 -27.36 -0.31
N VAL D 119 -16.88 -26.07 -0.13
CA VAL D 119 -17.88 -25.38 -0.95
C VAL D 119 -17.16 -24.80 -2.17
N MET D 120 -17.57 -25.25 -3.35
CA MET D 120 -17.02 -24.74 -4.60
C MET D 120 -18.03 -23.88 -5.30
N ALA D 121 -17.57 -22.74 -5.80
CA ALA D 121 -18.37 -21.92 -6.66
C ALA D 121 -17.60 -21.83 -7.96
N LEU D 122 -18.32 -21.93 -9.07
CA LEU D 122 -17.75 -21.70 -10.40
C LEU D 122 -18.18 -20.35 -10.88
N ALA D 123 -17.22 -19.43 -11.03
CA ALA D 123 -17.53 -18.05 -11.46
C ALA D 123 -17.21 -17.84 -12.94
N GLY D 124 -18.25 -17.59 -13.74
CA GLY D 124 -18.08 -17.26 -15.13
C GLY D 124 -17.95 -15.76 -15.24
N ASN D 125 -16.71 -15.30 -15.33
CA ASN D 125 -16.42 -13.88 -15.19
C ASN D 125 -16.42 -13.13 -16.50
N LYS D 126 -16.54 -11.80 -16.40
CA LYS D 126 -16.56 -10.89 -17.54
C LYS D 126 -17.85 -11.06 -18.36
N SER D 127 -18.96 -11.30 -17.65
CA SER D 127 -20.29 -11.49 -18.26
C SER D 127 -20.77 -10.25 -19.02
N ASP D 128 -20.27 -9.09 -18.59
CA ASP D 128 -20.54 -7.81 -19.24
C ASP D 128 -20.10 -7.73 -20.70
N LEU D 129 -19.15 -8.57 -21.08
CA LEU D 129 -18.63 -8.61 -22.46
C LEU D 129 -19.54 -9.46 -23.38
N LEU D 130 -20.09 -8.82 -24.40
CA LEU D 130 -21.12 -9.43 -25.25
C LEU D 130 -20.62 -9.93 -26.59
N ASP D 131 -19.86 -9.11 -27.31
CA ASP D 131 -19.31 -9.47 -28.63
C ASP D 131 -18.42 -10.70 -28.62
N ALA D 132 -17.64 -10.88 -27.56
CA ALA D 132 -16.61 -11.93 -27.55
C ALA D 132 -17.00 -13.26 -26.83
N ARG D 133 -18.20 -13.32 -26.23
CA ARG D 133 -18.57 -14.45 -25.36
C ARG D 133 -18.53 -15.82 -26.04
N LYS D 134 -17.86 -16.78 -25.40
CA LYS D 134 -17.66 -18.12 -25.99
C LYS D 134 -18.22 -19.24 -25.13
N VAL D 135 -18.50 -18.97 -23.86
CA VAL D 135 -18.98 -20.03 -22.97
C VAL D 135 -20.45 -19.86 -22.53
N THR D 136 -21.32 -20.69 -23.09
CA THR D 136 -22.74 -20.69 -22.73
C THR D 136 -22.97 -20.89 -21.22
N ALA D 137 -23.94 -20.17 -20.68
CA ALA D 137 -24.41 -20.43 -19.30
C ALA D 137 -25.01 -21.82 -19.15
N GLU D 138 -25.54 -22.35 -20.26
CA GLU D 138 -25.99 -23.73 -20.26
C GLU D 138 -24.86 -24.70 -19.90
N ASP D 139 -23.71 -24.61 -20.57
CA ASP D 139 -22.57 -25.52 -20.33
C ASP D 139 -21.98 -25.39 -18.93
N ALA D 140 -21.73 -24.15 -18.53
CA ALA D 140 -21.24 -23.83 -17.19
C ALA D 140 -22.21 -24.30 -16.11
N GLN D 141 -23.50 -24.02 -16.29
CA GLN D 141 -24.54 -24.43 -15.34
C GLN D 141 -24.75 -25.94 -15.29
N THR D 142 -24.79 -26.56 -16.46
CA THR D 142 -24.88 -28.02 -16.57
C THR D 142 -23.66 -28.67 -15.89
N TYR D 143 -22.45 -28.21 -16.24
CA TYR D 143 -21.25 -28.72 -15.58
C TYR D 143 -21.30 -28.65 -14.05
N ALA D 144 -21.59 -27.47 -13.49
CA ALA D 144 -21.64 -27.29 -12.05
C ALA D 144 -22.71 -28.17 -11.37
N GLN D 145 -23.88 -28.30 -12.01
CA GLN D 145 -24.98 -29.06 -11.43
C GLN D 145 -24.70 -30.56 -11.39
N GLU D 146 -23.95 -31.05 -12.38
CA GLU D 146 -23.49 -32.45 -12.36
C GLU D 146 -22.44 -32.71 -11.29
N ASN D 147 -21.83 -31.64 -10.76
CA ASN D 147 -20.61 -31.83 -9.99
C ASN D 147 -20.60 -31.32 -8.56
N GLY D 148 -21.78 -31.05 -8.02
CA GLY D 148 -21.92 -30.67 -6.62
C GLY D 148 -21.59 -29.22 -6.31
N LEU D 149 -21.61 -28.35 -7.32
CA LEU D 149 -21.25 -26.95 -7.10
C LEU D 149 -22.23 -26.00 -7.79
N PHE D 150 -22.16 -24.71 -7.47
CA PHE D 150 -23.00 -23.76 -8.18
C PHE D 150 -22.21 -22.90 -9.16
N PHE D 151 -22.91 -22.45 -10.20
CA PHE D 151 -22.35 -21.55 -11.19
C PHE D 151 -23.00 -20.19 -10.98
N MET D 152 -22.18 -19.14 -11.04
CA MET D 152 -22.64 -17.77 -11.15
C MET D 152 -21.95 -17.13 -12.33
N GLU D 153 -22.66 -16.33 -13.09
CA GLU D 153 -22.01 -15.41 -13.98
C GLU D 153 -21.62 -14.23 -13.12
N THR D 154 -20.41 -13.73 -13.30
CA THR D 154 -19.96 -12.56 -12.52
C THR D 154 -19.40 -11.50 -13.44
N SER D 155 -19.25 -10.30 -12.89
CA SER D 155 -18.57 -9.23 -13.57
C SER D 155 -17.87 -8.41 -12.48
N ALA D 156 -16.59 -8.17 -12.65
CA ALA D 156 -15.88 -7.33 -11.71
C ALA D 156 -16.04 -5.87 -12.11
N LYS D 157 -16.20 -5.63 -13.41
CA LYS D 157 -16.31 -4.27 -13.94
C LYS D 157 -17.66 -3.60 -13.61
N THR D 158 -18.76 -4.35 -13.72
CA THR D 158 -20.11 -3.86 -13.39
C THR D 158 -20.55 -4.24 -11.98
N ALA D 159 -19.75 -5.05 -11.29
CA ALA D 159 -20.07 -5.56 -9.94
C ALA D 159 -21.13 -6.67 -9.87
N THR D 160 -21.77 -6.99 -11.01
CA THR D 160 -22.78 -8.04 -11.05
C THR D 160 -22.28 -9.31 -10.38
N ASN D 161 -23.06 -9.80 -9.41
CA ASN D 161 -22.85 -11.08 -8.73
C ASN D 161 -21.58 -11.24 -7.90
N VAL D 162 -20.80 -10.18 -7.76
CA VAL D 162 -19.63 -10.20 -6.87
C VAL D 162 -19.98 -10.43 -5.39
N LYS D 163 -20.74 -9.54 -4.75
CA LYS D 163 -21.16 -9.80 -3.36
C LYS D 163 -21.88 -11.15 -3.26
N GLU D 164 -22.75 -11.42 -4.23
CA GLU D 164 -23.62 -12.60 -4.25
C GLU D 164 -22.84 -13.91 -4.17
N ILE D 165 -21.90 -14.13 -5.10
CA ILE D 165 -21.03 -15.33 -5.05
C ILE D 165 -20.37 -15.58 -3.70
N PHE D 166 -19.81 -14.53 -3.09
CA PHE D 166 -19.19 -14.63 -1.76
C PHE D 166 -20.18 -14.93 -0.60
N TYR D 167 -21.31 -14.20 -0.55
CA TYR D 167 -22.45 -14.43 0.37
C TYR D 167 -23.00 -15.87 0.25
N GLU D 168 -23.15 -16.32 -1.00
CA GLU D 168 -23.69 -17.63 -1.33
C GLU D 168 -22.79 -18.78 -0.90
N ILE D 169 -21.48 -18.51 -0.87
CA ILE D 169 -20.50 -19.47 -0.38
C ILE D 169 -20.59 -19.54 1.13
N ALA D 170 -20.78 -18.38 1.75
CA ALA D 170 -20.85 -18.25 3.20
C ALA D 170 -22.08 -18.98 3.76
N ARG D 171 -23.19 -18.83 3.05
CA ARG D 171 -24.48 -19.50 3.28
C ARG D 171 -24.34 -21.02 3.44
N ARG D 172 -23.43 -21.61 2.66
CA ARG D 172 -23.31 -23.06 2.53
C ARG D 172 -22.32 -23.73 3.48
N LEU D 173 -21.58 -22.92 4.23
CA LEU D 173 -20.50 -23.45 5.07
C LEU D 173 -20.99 -24.41 6.17
N PRO D 174 -20.29 -25.57 6.33
CA PRO D 174 -20.80 -26.67 7.16
C PRO D 174 -20.55 -26.48 8.64
N3B GNH E . 7.66 13.01 11.90
PB GNH E . 6.28 12.42 12.80
O1B GNH E . 5.77 13.61 13.58
O2B GNH E . 5.25 11.71 11.97
O3A GNH E . 6.94 11.36 13.78
PA GNH E . 6.71 9.76 13.83
O1A GNH E . 5.25 9.46 14.01
O2A GNH E . 7.46 9.18 12.63
O5' GNH E . 7.50 9.36 15.17
C5' GNH E . 8.91 9.60 15.38
C4' GNH E . 9.56 8.46 16.15
O4' GNH E . 9.12 8.46 17.52
C3' GNH E . 9.21 7.08 15.57
O3' GNH E . 10.29 6.16 15.75
C2' GNH E . 8.08 6.60 16.45
O2' GNH E . 8.11 5.18 16.62
C1' GNH E . 8.34 7.29 17.78
N9 GNH E . 7.06 7.56 18.50
C8 GNH E . 5.93 8.14 18.03
N7 GNH E . 4.97 8.19 18.97
C5 GNH E . 5.48 7.61 20.09
C6 GNH E . 5.02 7.35 21.49
O6 GNH E . 3.88 7.67 21.89
N1 GNH E . 5.85 6.75 22.33
C2 GNH E . 7.09 6.39 21.98
N2 GNH E . 7.84 5.80 22.90
N3 GNH E . 7.60 6.60 20.73
C4 GNH E . 6.84 7.20 19.77
N3B GNH F . -4.88 -12.89 -13.62
PB GNH F . -6.41 -12.74 -12.79
O1B GNH F . -7.08 -14.08 -12.93
O2B GNH F . -6.29 -12.20 -11.38
O3A GNH F . -7.26 -11.64 -13.60
PA GNH F . -7.23 -10.04 -13.43
O1A GNH F . -8.19 -9.68 -12.32
O2A GNH F . -5.78 -9.60 -13.31
O5' GNH F . -7.86 -9.57 -14.83
C5' GNH F . -7.16 -9.65 -16.07
C4' GNH F . -7.73 -8.56 -16.97
O4' GNH F . -9.12 -8.85 -17.16
C3' GNH F . -7.65 -7.14 -16.37
O3' GNH F . -7.33 -6.15 -17.36
C2' GNH F . -9.04 -6.86 -15.85
O2' GNH F . -9.39 -5.47 -15.94
C1' GNH F . -9.90 -7.72 -16.77
N9 GNH F . -11.18 -8.08 -16.10
C8 GNH F . -11.38 -8.70 -14.93
N7 GNH F . -12.70 -8.82 -14.66
C5 GNH F . -13.37 -8.26 -15.68
C6 GNH F . -14.79 -8.04 -16.05
O6 GNH F . -15.66 -8.46 -15.27
N1 GNH F . -15.07 -7.40 -17.20
C2 GNH F . -14.08 -6.98 -18.03
N2 GNH F . -14.35 -6.36 -19.18
N3 GNH F . -12.77 -7.15 -17.75
C4 GNH F . -12.36 -7.77 -16.62
#